data_7XQJ
#
_entry.id   7XQJ
#
_cell.length_a   1.00
_cell.length_b   1.00
_cell.length_c   1.00
_cell.angle_alpha   90.00
_cell.angle_beta   90.00
_cell.angle_gamma   90.00
#
_symmetry.space_group_name_H-M   'P 1'
#
_entity_poly.entity_id   1
_entity_poly.type   'polypeptide(L)'
_entity_poly.pdbx_seq_one_letter_code
;MGDWSALGKLLDKVQAYSTAGGKVWLSVLFIFRILLLGTAVESAWGDEQSAFRCNTQQPGCENVCYDKSFPISHVRFWVL
QIIFVSVPTLLYLAHVFYVMRKEEKLNKKEEELKVAQTDGVNVDMHLKQIEIKKFKYGIEEHGKVKMRGGLLRTYIISIL
FKSIFEVAFLLIQWYIYGFSLSAVYTCKRDPCPHQVDCFLSRPTEKTIFIIFMLVVSLVSLALNIIELFYVFFKGVKDRV
KGKSDPYHATSGALSPA
;
_entity_poly.pdbx_strand_id   A,B,C,D,E,F
#
# COMPACT_ATOMS: atom_id res chain seq x y z
N GLY A 2 8.47 -5.09 -1.08
CA GLY A 2 7.86 -6.16 -0.32
C GLY A 2 7.69 -5.81 1.15
N ASP A 3 6.81 -6.55 1.83
CA ASP A 3 6.57 -6.31 3.24
C ASP A 3 7.67 -6.90 4.11
N TRP A 4 8.10 -6.15 5.11
CA TRP A 4 9.16 -6.60 6.01
C TRP A 4 8.66 -6.67 7.45
N SER A 5 7.39 -6.99 7.63
CA SER A 5 6.79 -7.08 8.95
C SER A 5 6.51 -8.53 9.33
N ALA A 6 7.37 -9.44 8.86
CA ALA A 6 7.25 -10.83 9.25
C ALA A 6 8.22 -10.99 10.43
N LEU A 7 9.51 -10.85 10.12
CA LEU A 7 10.57 -10.97 11.13
C LEU A 7 10.43 -10.08 12.38
N GLY A 8 9.88 -8.87 12.22
CA GLY A 8 9.74 -7.96 13.33
C GLY A 8 9.02 -8.56 14.53
N LYS A 9 8.02 -9.40 14.28
CA LYS A 9 7.28 -10.00 15.40
C LYS A 9 8.07 -11.18 15.98
N LEU A 10 9.31 -11.27 15.54
CA LEU A 10 10.24 -12.35 15.91
C LEU A 10 11.55 -11.78 16.43
N LEU A 11 12.09 -10.76 15.77
CA LEU A 11 13.27 -10.10 16.29
C LEU A 11 12.96 -9.17 17.45
N ASP A 12 11.70 -8.78 17.62
CA ASP A 12 11.32 -8.04 18.82
C ASP A 12 11.37 -8.91 20.05
N LYS A 13 10.90 -10.16 19.92
CA LYS A 13 10.87 -11.07 21.06
C LYS A 13 12.27 -11.43 21.53
N VAL A 14 13.25 -11.47 20.62
CA VAL A 14 14.63 -11.70 21.04
C VAL A 14 15.24 -10.44 21.63
N GLN A 15 14.62 -9.28 21.42
CA GLN A 15 15.06 -8.04 22.07
C GLN A 15 14.40 -7.89 23.44
N ALA A 16 14.45 -8.93 24.21
CA ALA A 16 14.09 -8.94 25.61
C ALA A 16 15.15 -9.59 26.48
N TYR A 17 15.82 -10.62 25.97
CA TYR A 17 16.75 -11.42 26.75
C TYR A 17 18.02 -11.72 25.95
N SER A 18 18.61 -10.70 25.36
CA SER A 18 19.95 -10.81 24.79
C SER A 18 20.87 -9.80 25.45
N THR A 19 22.18 -9.97 25.21
CA THR A 19 23.16 -9.05 25.77
C THR A 19 23.14 -7.72 25.02
N ALA A 20 23.88 -6.75 25.57
CA ALA A 20 23.83 -5.38 25.05
C ALA A 20 24.45 -5.27 23.67
N GLY A 21 25.51 -6.05 23.42
CA GLY A 21 26.05 -6.10 22.07
C GLY A 21 25.09 -6.71 21.08
N GLY A 22 24.34 -7.73 21.52
CA GLY A 22 23.28 -8.27 20.68
C GLY A 22 22.19 -7.26 20.43
N LYS A 23 21.88 -6.44 21.43
CA LYS A 23 20.85 -5.41 21.26
C LYS A 23 21.29 -4.33 20.29
N VAL A 24 22.55 -3.89 20.37
CA VAL A 24 22.98 -2.84 19.46
C VAL A 24 23.21 -3.40 18.05
N TRP A 25 23.54 -4.69 17.94
CA TRP A 25 23.65 -5.29 16.61
C TRP A 25 22.27 -5.46 15.98
N LEU A 26 21.28 -5.85 16.79
CA LEU A 26 19.91 -5.90 16.30
C LEU A 26 19.43 -4.51 15.89
N SER A 27 19.85 -3.49 16.63
CA SER A 27 19.42 -2.13 16.31
C SER A 27 20.04 -1.65 15.01
N VAL A 28 21.32 -1.95 14.77
CA VAL A 28 21.93 -1.46 13.52
C VAL A 28 21.42 -2.28 12.34
N LEU A 29 21.16 -3.58 12.53
CA LEU A 29 20.58 -4.40 11.47
C LEU A 29 19.18 -3.92 11.15
N PHE A 30 18.46 -3.44 12.17
CA PHE A 30 17.13 -2.92 11.97
C PHE A 30 17.15 -1.60 11.23
N ILE A 31 17.90 -0.63 11.74
CA ILE A 31 17.71 0.74 11.29
C ILE A 31 18.54 1.04 10.04
N PHE A 32 19.63 0.32 9.79
CA PHE A 32 20.52 0.71 8.72
C PHE A 32 20.45 -0.18 7.50
N ARG A 33 19.77 -1.31 7.57
CA ARG A 33 19.65 -2.19 6.42
C ARG A 33 18.23 -2.28 5.91
N ILE A 34 17.30 -2.73 6.77
CA ILE A 34 15.93 -2.97 6.31
C ILE A 34 15.23 -1.64 6.07
N LEU A 35 15.61 -0.62 6.84
CA LEU A 35 15.04 0.70 6.61
C LEU A 35 15.62 1.33 5.36
N LEU A 36 16.91 1.16 5.14
CA LEU A 36 17.53 1.76 3.97
C LEU A 36 17.10 1.09 2.69
N LEU A 37 16.76 -0.20 2.78
CA LEU A 37 16.43 -0.94 1.55
C LEU A 37 15.06 -0.60 1.04
N GLY A 38 14.15 -0.21 1.92
CA GLY A 38 12.81 0.07 1.44
C GLY A 38 12.67 1.49 0.98
N THR A 39 13.50 2.38 1.52
CA THR A 39 13.27 3.81 1.38
C THR A 39 13.77 4.36 0.06
N ALA A 40 15.08 4.33 -0.15
CA ALA A 40 15.68 5.04 -1.26
C ALA A 40 16.43 4.15 -2.22
N VAL A 41 17.15 3.15 -1.74
CA VAL A 41 18.01 2.37 -2.62
C VAL A 41 17.20 1.40 -3.47
N GLU A 42 15.91 1.29 -3.15
CA GLU A 42 15.00 0.45 -3.91
C GLU A 42 14.46 1.28 -5.08
N SER A 43 14.44 2.60 -4.91
CA SER A 43 13.98 3.49 -5.96
C SER A 43 15.03 3.64 -7.05
N ALA A 44 16.31 3.62 -6.67
CA ALA A 44 17.37 3.90 -7.62
C ALA A 44 17.55 2.79 -8.64
N TRP A 45 17.18 1.56 -8.28
CA TRP A 45 17.23 0.45 -9.21
C TRP A 45 15.94 0.28 -9.97
N GLY A 46 15.16 1.36 -10.11
CA GLY A 46 13.88 1.27 -10.77
C GLY A 46 14.01 1.06 -12.26
N ASP A 47 14.53 2.06 -12.96
CA ASP A 47 14.70 1.98 -14.41
C ASP A 47 16.02 1.30 -14.75
N GLU A 48 16.10 0.05 -14.31
CA GLU A 48 17.27 -0.80 -14.48
C GLU A 48 17.58 -1.16 -15.92
N GLN A 49 16.62 -1.81 -16.56
CA GLN A 49 16.81 -2.30 -17.92
C GLN A 49 16.29 -1.35 -18.96
N SER A 50 15.41 -0.43 -18.60
CA SER A 50 14.84 0.47 -19.59
C SER A 50 15.85 1.50 -20.05
N ALA A 51 16.60 2.08 -19.11
CA ALA A 51 17.55 3.11 -19.48
C ALA A 51 18.84 2.55 -20.02
N PHE A 52 19.07 1.25 -19.90
CA PHE A 52 20.28 0.64 -20.43
C PHE A 52 20.27 0.68 -21.94
N ARG A 53 21.43 0.96 -22.52
CA ARG A 53 21.47 1.19 -23.96
C ARG A 53 22.87 0.93 -24.50
N CYS A 54 22.96 0.18 -25.59
CA CYS A 54 24.20 0.01 -26.31
C CYS A 54 24.04 0.56 -27.72
N ASN A 55 25.17 0.83 -28.36
CA ASN A 55 25.20 1.52 -29.64
C ASN A 55 25.30 0.49 -30.75
N THR A 56 24.15 0.09 -31.29
CA THR A 56 24.11 -0.78 -32.44
C THR A 56 22.81 -0.54 -33.18
N GLN A 57 22.61 -1.33 -34.23
CA GLN A 57 21.35 -1.37 -34.95
C GLN A 57 20.76 -2.76 -34.99
N GLN A 58 21.50 -3.76 -34.55
CA GLN A 58 21.09 -5.15 -34.53
C GLN A 58 20.04 -5.37 -33.44
N PRO A 59 18.96 -6.10 -33.74
CA PRO A 59 17.94 -6.35 -32.72
C PRO A 59 18.41 -7.36 -31.69
N GLY A 60 18.03 -7.12 -30.45
CA GLY A 60 18.18 -8.10 -29.40
C GLY A 60 19.56 -8.19 -28.77
N CYS A 61 20.53 -7.42 -29.23
CA CYS A 61 21.86 -7.50 -28.64
C CYS A 61 21.87 -6.92 -27.23
N GLU A 62 20.97 -5.97 -26.97
CA GLU A 62 20.96 -5.24 -25.70
C GLU A 62 20.65 -6.17 -24.54
N ASN A 63 19.76 -7.15 -24.75
CA ASN A 63 19.42 -8.07 -23.68
C ASN A 63 20.59 -8.97 -23.33
N VAL A 64 21.33 -9.42 -24.34
CA VAL A 64 22.46 -10.29 -24.09
C VAL A 64 23.58 -9.54 -23.40
N CYS A 65 23.83 -8.30 -23.81
CA CYS A 65 24.90 -7.54 -23.16
C CYS A 65 24.52 -7.13 -21.75
N TYR A 66 23.25 -6.80 -21.53
CA TYR A 66 22.79 -6.51 -20.18
C TYR A 66 22.85 -7.74 -19.29
N ASP A 67 22.62 -8.92 -19.86
CA ASP A 67 22.75 -10.14 -19.09
C ASP A 67 24.20 -10.40 -18.71
N LYS A 68 25.10 -10.24 -19.67
CA LYS A 68 26.50 -10.55 -19.41
C LYS A 68 27.12 -9.54 -18.45
N SER A 69 26.62 -8.31 -18.46
CA SER A 69 27.13 -7.33 -17.50
C SER A 69 26.64 -7.64 -16.09
N PHE A 70 25.37 -7.98 -15.95
CA PHE A 70 24.76 -8.16 -14.63
C PHE A 70 24.27 -9.58 -14.45
N PRO A 71 24.97 -10.41 -13.70
CA PRO A 71 24.38 -11.69 -13.32
C PRO A 71 23.18 -11.52 -12.42
N ILE A 72 23.29 -10.68 -11.40
CA ILE A 72 22.15 -10.32 -10.56
C ILE A 72 22.21 -8.83 -10.30
N SER A 73 21.05 -8.25 -10.01
CA SER A 73 21.05 -6.92 -9.45
C SER A 73 21.57 -6.97 -8.02
N HIS A 74 22.05 -5.83 -7.54
CA HIS A 74 22.67 -5.82 -6.23
C HIS A 74 21.66 -5.91 -5.11
N VAL A 75 20.43 -5.47 -5.37
CA VAL A 75 19.42 -5.41 -4.30
C VAL A 75 19.01 -6.82 -3.90
N ARG A 76 18.84 -7.72 -4.86
CA ARG A 76 18.47 -9.07 -4.51
C ARG A 76 19.62 -9.81 -3.86
N PHE A 77 20.85 -9.42 -4.21
CA PHE A 77 22.02 -9.95 -3.53
C PHE A 77 22.03 -9.54 -2.07
N TRP A 78 21.73 -8.27 -1.79
CA TRP A 78 21.67 -7.82 -0.41
C TRP A 78 20.52 -8.45 0.35
N VAL A 79 19.42 -8.74 -0.33
CA VAL A 79 18.29 -9.39 0.33
C VAL A 79 18.64 -10.83 0.71
N LEU A 80 19.33 -11.54 -0.17
CA LEU A 80 19.80 -12.88 0.20
C LEU A 80 20.83 -12.83 1.31
N GLN A 81 21.66 -11.79 1.32
CA GLN A 81 22.61 -11.63 2.41
C GLN A 81 21.92 -11.37 3.74
N ILE A 82 20.88 -10.53 3.72
CA ILE A 82 20.19 -10.21 4.96
C ILE A 82 19.29 -11.36 5.40
N ILE A 83 18.98 -12.30 4.52
CA ILE A 83 18.30 -13.51 4.96
C ILE A 83 19.30 -14.47 5.60
N PHE A 84 20.46 -14.63 4.98
CA PHE A 84 21.40 -15.60 5.49
C PHE A 84 22.14 -15.15 6.74
N VAL A 85 22.19 -13.84 7.01
CA VAL A 85 22.74 -13.40 8.29
C VAL A 85 21.68 -13.34 9.37
N SER A 86 20.43 -13.63 9.04
CA SER A 86 19.36 -13.56 10.02
C SER A 86 18.75 -14.91 10.35
N VAL A 87 18.96 -15.93 9.52
CA VAL A 87 18.64 -17.29 9.94
C VAL A 87 19.40 -17.73 11.18
N PRO A 88 20.78 -17.66 11.27
CA PRO A 88 21.43 -18.46 12.30
C PRO A 88 21.44 -17.82 13.67
N THR A 89 20.60 -16.80 13.88
CA THR A 89 20.34 -16.28 15.20
C THR A 89 18.96 -16.66 15.71
N LEU A 90 18.11 -17.19 14.85
CA LEU A 90 16.76 -17.56 15.27
C LEU A 90 16.78 -18.79 16.15
N LEU A 91 17.64 -19.76 15.84
CA LEU A 91 17.67 -21.00 16.59
C LEU A 91 18.18 -20.80 18.02
N TYR A 92 18.93 -19.72 18.26
CA TYR A 92 19.28 -19.37 19.63
C TYR A 92 18.05 -18.99 20.43
N LEU A 93 17.19 -18.17 19.83
CA LEU A 93 15.91 -17.83 20.46
C LEU A 93 15.03 -19.06 20.64
N ALA A 94 15.05 -19.96 19.65
CA ALA A 94 14.27 -21.19 19.73
C ALA A 94 14.76 -22.08 20.86
N HIS A 95 16.07 -22.16 21.03
CA HIS A 95 16.64 -22.99 22.09
C HIS A 95 16.35 -22.40 23.46
N VAL A 96 16.47 -21.08 23.61
CA VAL A 96 16.21 -20.51 24.93
C VAL A 96 14.71 -20.52 25.23
N PHE A 97 13.87 -20.45 24.20
CA PHE A 97 12.43 -20.53 24.42
C PHE A 97 12.04 -21.95 24.82
N TYR A 98 12.66 -22.94 24.19
CA TYR A 98 12.40 -24.34 24.52
C TYR A 98 12.85 -24.66 25.93
N VAL A 99 14.05 -24.21 26.32
CA VAL A 99 14.48 -24.53 27.67
C VAL A 99 13.76 -23.69 28.72
N MET A 100 13.24 -22.51 28.36
CA MET A 100 12.43 -21.76 29.30
C MET A 100 11.08 -22.42 29.49
N ARG A 101 10.53 -22.98 28.41
CA ARG A 101 9.32 -23.78 28.52
C ARG A 101 9.55 -25.03 29.36
N LYS A 102 10.70 -25.68 29.19
CA LYS A 102 11.00 -26.86 29.98
C LYS A 102 11.22 -26.52 31.45
N GLU A 103 11.79 -25.35 31.72
CA GLU A 103 11.94 -24.87 33.09
C GLU A 103 10.58 -24.61 33.72
N GLU A 104 9.69 -23.94 32.99
CA GLU A 104 8.37 -23.64 33.53
C GLU A 104 7.50 -24.88 33.62
N LYS A 105 7.80 -25.93 32.87
CA LYS A 105 7.13 -27.20 33.05
C LYS A 105 7.66 -27.93 34.28
N LEU A 106 8.97 -27.92 34.48
CA LEU A 106 9.58 -28.80 35.47
C LEU A 106 9.51 -28.25 36.88
N ASN A 107 9.52 -26.92 37.04
CA ASN A 107 9.64 -26.33 38.36
C ASN A 107 8.36 -26.48 39.18
N LYS A 108 7.21 -26.59 38.52
CA LYS A 108 5.92 -26.58 39.19
C LYS A 108 5.43 -27.97 39.55
N LYS A 109 6.34 -28.92 39.72
CA LYS A 109 5.98 -30.29 40.13
C LYS A 109 6.07 -30.48 41.63
N GLU A 110 5.82 -29.45 42.42
CA GLU A 110 5.98 -29.53 43.86
C GLU A 110 4.63 -29.36 44.57
N LYS A 144 14.90 -14.55 35.28
CA LYS A 144 16.13 -13.89 34.88
C LYS A 144 16.72 -14.63 33.68
N VAL A 145 17.98 -14.34 33.36
CA VAL A 145 18.69 -15.01 32.28
C VAL A 145 20.14 -15.17 32.71
N LYS A 146 20.66 -16.40 32.59
CA LYS A 146 22.04 -16.69 32.95
C LYS A 146 22.57 -17.77 32.02
N MET A 147 23.53 -17.41 31.18
CA MET A 147 24.05 -18.34 30.19
C MET A 147 24.95 -19.36 30.86
N ARG A 148 24.50 -20.61 30.91
CA ARG A 148 25.24 -21.69 31.52
C ARG A 148 24.98 -22.98 30.76
N GLY A 149 25.95 -23.88 30.81
CA GLY A 149 25.80 -25.23 30.28
C GLY A 149 26.00 -25.37 28.79
N GLY A 150 25.00 -24.99 28.00
CA GLY A 150 25.08 -25.20 26.57
C GLY A 150 24.77 -23.96 25.77
N LEU A 151 24.24 -22.94 26.46
CA LEU A 151 23.91 -21.70 25.81
C LEU A 151 25.14 -20.96 25.32
N LEU A 152 26.26 -21.14 26.03
CA LEU A 152 27.55 -20.66 25.54
C LEU A 152 27.90 -21.27 24.19
N ARG A 153 27.65 -22.57 24.05
CA ARG A 153 28.01 -23.27 22.83
C ARG A 153 27.17 -22.80 21.65
N THR A 154 25.85 -22.71 21.86
CA THR A 154 24.95 -22.21 20.84
C THR A 154 25.28 -20.76 20.48
N TYR A 155 25.64 -19.96 21.47
CA TYR A 155 25.95 -18.57 21.24
C TYR A 155 27.19 -18.41 20.38
N ILE A 156 28.24 -19.17 20.71
CA ILE A 156 29.48 -18.98 19.96
C ILE A 156 29.36 -19.58 18.56
N ILE A 157 28.58 -20.64 18.38
CA ILE A 157 28.48 -21.16 17.03
C ILE A 157 27.56 -20.28 16.19
N SER A 158 26.61 -19.58 16.82
CA SER A 158 25.78 -18.64 16.09
C SER A 158 26.59 -17.45 15.61
N ILE A 159 27.44 -16.91 16.49
CA ILE A 159 28.27 -15.78 16.11
C ILE A 159 29.30 -16.19 15.07
N LEU A 160 29.81 -17.42 15.18
CA LEU A 160 30.75 -17.92 14.19
C LEU A 160 30.11 -18.08 12.82
N PHE A 161 28.88 -18.59 12.79
CA PHE A 161 28.18 -18.75 11.51
C PHE A 161 27.85 -17.40 10.89
N LYS A 162 27.47 -16.43 11.72
CA LYS A 162 27.21 -15.08 11.22
C LYS A 162 28.46 -14.45 10.63
N SER A 163 29.60 -14.64 11.29
CA SER A 163 30.86 -14.08 10.80
C SER A 163 31.29 -14.72 9.49
N ILE A 164 31.17 -16.06 9.40
CA ILE A 164 31.67 -16.70 8.19
C ILE A 164 30.73 -16.45 7.02
N PHE A 165 29.42 -16.30 7.27
CA PHE A 165 28.51 -15.94 6.19
C PHE A 165 28.77 -14.52 5.71
N GLU A 166 29.10 -13.63 6.64
CA GLU A 166 29.41 -12.24 6.29
C GLU A 166 30.64 -12.16 5.40
N VAL A 167 31.72 -12.84 5.80
CA VAL A 167 32.93 -12.76 5.01
C VAL A 167 32.78 -13.51 3.70
N ALA A 168 31.91 -14.53 3.65
CA ALA A 168 31.67 -15.24 2.40
C ALA A 168 30.94 -14.37 1.40
N PHE A 169 29.89 -13.68 1.85
CA PHE A 169 29.15 -12.80 0.95
C PHE A 169 30.00 -11.64 0.47
N LEU A 170 30.82 -11.08 1.37
CA LEU A 170 31.67 -9.97 0.95
C LEU A 170 32.74 -10.42 -0.02
N LEU A 171 33.28 -11.63 0.18
CA LEU A 171 34.27 -12.17 -0.74
C LEU A 171 33.68 -12.41 -2.12
N ILE A 172 32.43 -12.92 -2.16
CA ILE A 172 31.80 -13.19 -3.45
C ILE A 172 31.50 -11.88 -4.19
N GLN A 173 31.07 -10.86 -3.44
CA GLN A 173 30.80 -9.56 -4.07
C GLN A 173 32.07 -8.93 -4.60
N TRP A 174 33.19 -9.09 -3.89
CA TRP A 174 34.45 -8.57 -4.43
C TRP A 174 34.92 -9.40 -5.62
N TYR A 175 34.61 -10.69 -5.64
CA TYR A 175 35.08 -11.53 -6.73
C TYR A 175 34.33 -11.24 -8.02
N ILE A 176 33.03 -10.97 -7.94
CA ILE A 176 32.27 -10.75 -9.16
C ILE A 176 32.32 -9.31 -9.62
N TYR A 177 31.93 -8.38 -8.76
CA TYR A 177 31.66 -7.02 -9.23
C TYR A 177 32.80 -6.05 -8.98
N GLY A 178 33.60 -6.25 -7.95
CA GLY A 178 34.45 -5.16 -7.57
C GLY A 178 33.63 -4.12 -6.82
N PHE A 179 34.20 -2.93 -6.67
CA PHE A 179 33.54 -1.87 -5.92
C PHE A 179 33.58 -0.57 -6.68
N SER A 180 33.44 -0.65 -8.00
CA SER A 180 33.34 0.53 -8.83
C SER A 180 32.64 0.13 -10.12
N LEU A 181 31.94 1.08 -10.72
CA LEU A 181 31.23 0.85 -11.97
C LEU A 181 31.66 1.90 -12.98
N SER A 182 32.21 1.43 -14.09
CA SER A 182 32.54 2.34 -15.18
C SER A 182 31.29 2.69 -15.96
N ALA A 183 31.29 3.87 -16.55
CA ALA A 183 30.14 4.29 -17.33
C ALA A 183 30.05 3.55 -18.65
N VAL A 184 31.18 3.15 -19.21
CA VAL A 184 31.24 2.51 -20.51
C VAL A 184 31.64 1.06 -20.31
N TYR A 185 30.93 0.15 -20.95
CA TYR A 185 31.24 -1.26 -20.88
C TYR A 185 31.46 -1.80 -22.29
N THR A 186 32.40 -2.73 -22.41
CA THR A 186 32.68 -3.39 -23.69
C THR A 186 32.12 -4.80 -23.63
N CYS A 187 31.28 -5.13 -24.60
CA CYS A 187 30.55 -6.38 -24.63
C CYS A 187 30.99 -7.20 -25.84
N LYS A 188 31.22 -8.49 -25.62
CA LYS A 188 31.87 -9.36 -26.59
C LYS A 188 31.15 -10.70 -26.67
N ARG A 189 29.85 -10.68 -26.93
CA ARG A 189 29.07 -11.92 -26.92
C ARG A 189 28.27 -12.05 -28.20
N ASP A 190 28.03 -13.31 -28.58
CA ASP A 190 27.11 -13.61 -29.64
C ASP A 190 25.69 -13.30 -29.20
N PRO A 191 24.78 -12.96 -30.13
CA PRO A 191 24.89 -12.84 -31.58
C PRO A 191 25.29 -11.45 -32.03
N CYS A 192 25.87 -10.67 -31.12
CA CYS A 192 26.33 -9.35 -31.51
C CYS A 192 27.62 -9.49 -32.33
N PRO A 193 27.94 -8.53 -33.18
CA PRO A 193 29.28 -8.49 -33.79
C PRO A 193 30.34 -8.18 -32.74
N HIS A 194 31.60 -8.29 -33.17
CA HIS A 194 32.83 -8.45 -32.38
C HIS A 194 32.89 -7.76 -31.02
N GLN A 195 32.78 -6.43 -31.01
CA GLN A 195 32.73 -5.69 -29.76
C GLN A 195 31.68 -4.60 -29.88
N VAL A 196 30.96 -4.34 -28.79
CA VAL A 196 30.01 -3.25 -28.75
C VAL A 196 30.20 -2.48 -27.45
N ASP A 197 29.78 -1.22 -27.45
CA ASP A 197 29.87 -0.38 -26.26
C ASP A 197 28.49 -0.16 -25.67
N CYS A 198 28.40 -0.22 -24.36
CA CYS A 198 27.15 -0.04 -23.66
C CYS A 198 27.32 1.01 -22.58
N PHE A 199 26.24 1.72 -22.30
CA PHE A 199 26.25 2.82 -21.35
C PHE A 199 25.21 2.56 -20.29
N LEU A 200 25.61 2.66 -19.02
CA LEU A 200 24.70 2.37 -17.94
C LEU A 200 23.87 3.59 -17.60
N SER A 201 23.21 3.54 -16.44
CA SER A 201 22.45 4.66 -15.94
C SER A 201 22.77 4.88 -14.46
N ARG A 202 23.12 6.11 -14.12
CA ARG A 202 23.54 6.57 -12.80
C ARG A 202 24.63 5.71 -12.19
N PRO A 203 25.86 5.77 -12.66
CA PRO A 203 26.89 4.94 -12.05
C PRO A 203 27.36 5.47 -10.71
N THR A 204 27.34 6.80 -10.56
CA THR A 204 27.93 7.43 -9.40
C THR A 204 27.13 7.12 -8.14
N GLU A 205 25.82 7.27 -8.21
CA GLU A 205 24.94 7.02 -7.07
C GLU A 205 24.99 5.56 -6.65
N LYS A 206 25.07 4.66 -7.63
CA LYS A 206 25.13 3.25 -7.31
C LYS A 206 26.45 2.88 -6.65
N THR A 207 27.55 3.50 -7.09
CA THR A 207 28.83 3.24 -6.45
C THR A 207 28.84 3.77 -5.02
N ILE A 208 28.18 4.91 -4.81
CA ILE A 208 28.07 5.48 -3.46
C ILE A 208 27.33 4.52 -2.54
N PHE A 209 26.21 3.99 -3.00
CA PHE A 209 25.45 3.09 -2.14
C PHE A 209 26.15 1.74 -1.96
N ILE A 210 26.95 1.32 -2.94
CA ILE A 210 27.74 0.10 -2.79
C ILE A 210 28.78 0.28 -1.70
N ILE A 211 29.47 1.42 -1.69
CA ILE A 211 30.43 1.75 -0.65
C ILE A 211 29.76 1.81 0.71
N PHE A 212 28.53 2.33 0.73
CA PHE A 212 27.81 2.48 1.99
C PHE A 212 27.43 1.13 2.59
N MET A 213 26.89 0.23 1.77
CA MET A 213 26.57 -1.10 2.28
C MET A 213 27.82 -1.87 2.66
N LEU A 214 28.94 -1.62 1.97
CA LEU A 214 30.19 -2.24 2.32
C LEU A 214 30.66 -1.83 3.71
N VAL A 215 30.62 -0.53 4.01
CA VAL A 215 31.13 -0.08 5.30
C VAL A 215 30.19 -0.47 6.42
N VAL A 216 28.89 -0.61 6.12
CA VAL A 216 27.95 -1.09 7.13
C VAL A 216 28.24 -2.55 7.47
N SER A 217 28.51 -3.37 6.44
CA SER A 217 28.86 -4.77 6.66
C SER A 217 30.17 -4.90 7.44
N LEU A 218 31.12 -4.00 7.16
CA LEU A 218 32.41 -4.04 7.84
C LEU A 218 32.27 -3.73 9.32
N VAL A 219 31.52 -2.69 9.66
CA VAL A 219 31.39 -2.37 11.07
C VAL A 219 30.49 -3.37 11.78
N SER A 220 29.59 -4.05 11.07
CA SER A 220 28.82 -5.12 11.70
C SER A 220 29.71 -6.30 12.07
N LEU A 221 30.62 -6.67 11.15
CA LEU A 221 31.55 -7.75 11.45
C LEU A 221 32.47 -7.40 12.61
N ALA A 222 32.96 -6.15 12.64
CA ALA A 222 33.84 -5.73 13.72
C ALA A 222 33.11 -5.71 15.07
N LEU A 223 31.84 -5.32 15.06
CA LEU A 223 31.05 -5.33 16.28
C LEU A 223 30.83 -6.75 16.79
N ASN A 224 30.57 -7.69 15.87
CA ASN A 224 30.40 -9.08 16.28
C ASN A 224 31.68 -9.65 16.86
N ILE A 225 32.82 -9.29 16.27
CA ILE A 225 34.11 -9.80 16.75
C ILE A 225 34.42 -9.27 18.14
N ILE A 226 34.25 -7.97 18.35
CA ILE A 226 34.56 -7.41 19.66
C ILE A 226 33.54 -7.86 20.70
N GLU A 227 32.31 -8.19 20.28
CA GLU A 227 31.33 -8.72 21.20
C GLU A 227 31.72 -10.12 21.67
N LEU A 228 32.12 -10.98 20.74
CA LEU A 228 32.56 -12.32 21.11
C LEU A 228 33.81 -12.28 21.96
N PHE A 229 34.71 -11.35 21.67
CA PHE A 229 35.92 -11.18 22.46
C PHE A 229 35.61 -10.76 23.89
N TYR A 230 34.69 -9.81 24.05
CA TYR A 230 34.28 -9.36 25.39
C TYR A 230 33.58 -10.48 26.15
N VAL A 231 32.75 -11.26 25.46
CA VAL A 231 32.01 -12.31 26.13
C VAL A 231 32.93 -13.43 26.57
N PHE A 232 33.91 -13.78 25.73
CA PHE A 232 34.88 -14.81 26.12
C PHE A 232 35.80 -14.31 27.24
N PHE A 233 36.15 -13.03 27.22
CA PHE A 233 36.96 -12.46 28.31
C PHE A 233 36.19 -12.47 29.63
N LYS A 234 34.90 -12.13 29.59
CA LYS A 234 34.11 -12.18 30.81
C LYS A 234 33.82 -13.63 31.23
N GLY A 235 33.78 -14.55 30.27
CA GLY A 235 33.56 -15.94 30.61
C GLY A 235 34.77 -16.64 31.19
N VAL A 236 35.97 -16.19 30.82
CA VAL A 236 37.17 -16.67 31.50
C VAL A 236 37.49 -15.85 32.73
N LYS A 237 36.87 -14.68 32.91
CA LYS A 237 37.03 -13.91 34.13
C LYS A 237 36.02 -14.34 35.20
N ASP A 238 34.73 -14.26 34.87
CA ASP A 238 33.58 -14.59 35.75
C ASP A 238 33.62 -13.84 37.08
N GLY B 2 8.81 4.42 0.73
CA GLY B 2 9.13 3.43 1.75
C GLY B 2 8.37 3.67 3.05
N ASP B 3 8.32 2.64 3.88
CA ASP B 3 7.61 2.72 5.16
C ASP B 3 8.46 3.46 6.20
N TRP B 4 7.82 4.36 6.95
CA TRP B 4 8.50 5.13 7.97
C TRP B 4 7.92 4.87 9.36
N SER B 5 7.44 3.64 9.57
CA SER B 5 6.85 3.27 10.85
C SER B 5 7.78 2.34 11.63
N ALA B 6 9.08 2.54 11.48
CA ALA B 6 10.05 1.77 12.25
C ALA B 6 10.37 2.66 13.44
N LEU B 7 11.01 3.78 13.16
CA LEU B 7 11.42 4.74 14.19
C LEU B 7 10.30 5.25 15.11
N GLY B 8 9.08 5.39 14.59
CA GLY B 8 7.97 5.88 15.39
C GLY B 8 7.75 5.12 16.68
N LYS B 9 7.96 3.80 16.67
CA LYS B 9 7.76 3.01 17.88
C LYS B 9 8.97 3.15 18.80
N LEU B 10 9.83 4.10 18.45
CA LEU B 10 11.09 4.37 19.14
C LEU B 10 11.19 5.84 19.53
N LEU B 11 10.83 6.75 18.61
CA LEU B 11 10.79 8.16 18.95
C LEU B 11 9.57 8.52 19.78
N ASP B 12 8.54 7.67 19.79
CA ASP B 12 7.43 7.90 20.70
C ASP B 12 7.83 7.64 22.14
N LYS B 13 8.62 6.59 22.36
CA LYS B 13 9.04 6.25 23.72
C LYS B 13 9.96 7.31 24.32
N VAL B 14 10.75 7.99 23.48
CA VAL B 14 11.54 9.10 23.99
C VAL B 14 10.70 10.34 24.20
N GLN B 15 9.49 10.39 23.66
CA GLN B 15 8.56 11.48 23.92
C GLN B 15 7.73 11.19 25.16
N ALA B 16 8.39 10.79 26.22
CA ALA B 16 7.83 10.66 27.55
C ALA B 16 8.69 11.33 28.60
N TYR B 17 10.01 11.31 28.42
CA TYR B 17 10.94 11.79 29.44
C TYR B 17 12.07 12.59 28.81
N SER B 18 11.72 13.55 27.95
CA SER B 18 12.67 14.55 27.48
C SER B 18 12.17 15.94 27.85
N THR B 19 13.07 16.92 27.71
CA THR B 19 12.70 18.30 28.00
C THR B 19 11.83 18.88 26.90
N ALA B 20 11.29 20.07 27.16
CA ALA B 20 10.30 20.68 26.27
C ALA B 20 10.91 21.07 24.94
N GLY B 21 12.16 21.53 24.95
CA GLY B 21 12.84 21.79 23.70
C GLY B 21 13.10 20.53 22.90
N GLY B 22 13.40 19.43 23.60
CA GLY B 22 13.49 18.15 22.92
C GLY B 22 12.16 17.70 22.35
N LYS B 23 11.07 18.00 23.06
CA LYS B 23 9.74 17.64 22.57
C LYS B 23 9.37 18.44 21.33
N VAL B 24 9.65 19.75 21.32
CA VAL B 24 9.28 20.53 20.15
C VAL B 24 10.23 20.24 18.98
N TRP B 25 11.47 19.85 19.26
CA TRP B 25 12.36 19.46 18.17
C TRP B 25 11.94 18.13 17.57
N LEU B 26 11.51 17.20 18.43
CA LEU B 26 10.94 15.94 17.93
C LEU B 26 9.69 16.20 17.12
N SER B 27 8.88 17.17 17.54
CA SER B 27 7.65 17.48 16.83
C SER B 27 7.93 18.08 15.46
N VAL B 28 8.92 18.98 15.36
CA VAL B 28 9.18 19.58 14.04
C VAL B 28 9.88 18.58 13.14
N LEU B 29 10.74 17.71 13.69
CA LEU B 29 11.36 16.65 12.91
C LEU B 29 10.32 15.66 12.41
N PHE B 30 9.29 15.45 13.22
CA PHE B 30 8.20 14.56 12.84
C PHE B 30 7.35 15.16 11.74
N ILE B 31 6.84 16.37 11.97
CA ILE B 31 5.75 16.85 11.13
C ILE B 31 6.28 17.56 9.88
N PHE B 32 7.51 18.06 9.89
CA PHE B 32 7.95 18.88 8.77
C PHE B 32 8.95 18.21 7.86
N ARG B 33 9.48 17.05 8.25
CA ARG B 33 10.43 16.36 7.40
C ARG B 33 9.87 15.02 6.90
N ILE B 34 9.53 14.13 7.82
CA ILE B 34 9.10 12.79 7.42
C ILE B 34 7.74 12.85 6.76
N LEU B 35 6.90 13.79 7.21
CA LEU B 35 5.60 13.96 6.59
C LEU B 35 5.72 14.61 5.23
N LEU B 36 6.61 15.60 5.11
CA LEU B 36 6.77 16.28 3.84
C LEU B 36 7.42 15.38 2.80
N LEU B 37 8.25 14.45 3.24
CA LEU B 37 8.99 13.64 2.29
C LEU B 37 8.12 12.58 1.65
N GLY B 38 7.09 12.12 2.34
CA GLY B 38 6.29 11.07 1.77
C GLY B 38 5.18 11.63 0.90
N THR B 39 4.77 12.86 1.19
CA THR B 39 3.53 13.38 0.63
C THR B 39 3.71 13.91 -0.78
N ALA B 40 4.48 14.99 -0.93
CA ALA B 40 4.52 15.72 -2.18
C ALA B 40 5.89 15.76 -2.82
N VAL B 41 6.96 15.92 -2.03
CA VAL B 41 8.27 16.13 -2.62
C VAL B 41 8.85 14.82 -3.18
N GLU B 42 8.17 13.73 -2.88
CA GLU B 42 8.55 12.42 -3.39
C GLU B 42 7.92 12.24 -4.77
N SER B 43 6.79 12.93 -4.99
CA SER B 43 6.11 12.86 -6.28
C SER B 43 6.84 13.69 -7.33
N ALA B 44 7.42 14.81 -6.92
CA ALA B 44 8.02 15.74 -7.87
C ALA B 44 9.28 15.17 -8.52
N TRP B 45 9.98 14.28 -7.83
CA TRP B 45 11.15 13.62 -8.38
C TRP B 45 10.79 12.34 -9.11
N GLY B 46 9.55 12.22 -9.57
CA GLY B 46 9.11 11.00 -10.22
C GLY B 46 9.74 10.80 -11.58
N ASP B 47 9.40 11.68 -12.53
CA ASP B 47 9.94 11.59 -13.87
C ASP B 47 11.28 12.32 -13.96
N GLU B 48 12.21 11.79 -13.18
CA GLU B 48 13.56 12.32 -13.05
C GLU B 48 14.39 12.21 -14.32
N GLN B 49 14.58 10.98 -14.77
CA GLN B 49 15.43 10.71 -15.91
C GLN B 49 14.66 10.62 -17.21
N SER B 50 13.35 10.40 -17.16
CA SER B 50 12.60 10.24 -18.39
C SER B 50 12.42 11.58 -19.09
N ALA B 51 12.11 12.62 -18.35
CA ALA B 51 11.87 13.91 -18.97
C ALA B 51 13.16 14.65 -19.29
N PHE B 52 14.30 14.19 -18.79
CA PHE B 52 15.57 14.82 -19.06
C PHE B 52 15.93 14.65 -20.53
N ARG B 53 16.47 15.70 -21.13
CA ARG B 53 16.70 15.66 -22.57
C ARG B 53 17.78 16.64 -22.96
N CYS B 54 18.72 16.18 -23.78
CA CYS B 54 19.72 17.05 -24.39
C CYS B 54 19.56 17.01 -25.90
N ASN B 55 20.11 18.02 -26.55
CA ASN B 55 19.91 18.26 -27.98
C ASN B 55 21.09 17.66 -28.73
N THR B 56 20.94 16.41 -29.15
CA THR B 56 21.92 15.77 -30.01
C THR B 56 21.23 14.69 -30.83
N GLN B 57 22.03 13.98 -31.60
CA GLN B 57 21.59 12.80 -32.31
C GLN B 57 22.41 11.57 -31.98
N GLN B 58 23.49 11.74 -31.24
CA GLN B 58 24.39 10.68 -30.81
C GLN B 58 23.71 9.82 -29.76
N PRO B 59 23.81 8.49 -29.85
CA PRO B 59 23.19 7.64 -28.83
C PRO B 59 23.98 7.64 -27.54
N GLY B 60 23.26 7.60 -26.43
CA GLY B 60 23.86 7.37 -25.14
C GLY B 60 24.50 8.57 -24.47
N CYS B 61 24.52 9.73 -25.11
CA CYS B 61 25.13 10.89 -24.48
C CYS B 61 24.30 11.40 -23.31
N GLU B 62 22.98 11.15 -23.36
CA GLU B 62 22.06 11.67 -22.36
C GLU B 62 22.33 11.09 -20.99
N ASN B 63 22.70 9.81 -20.93
CA ASN B 63 22.98 9.18 -19.64
C ASN B 63 24.23 9.75 -19.01
N VAL B 64 25.26 10.01 -19.83
CA VAL B 64 26.50 10.55 -19.29
C VAL B 64 26.31 11.98 -18.83
N CYS B 65 25.54 12.78 -19.57
CA CYS B 65 25.34 14.16 -19.15
C CYS B 65 24.43 14.24 -17.92
N TYR B 66 23.43 13.35 -17.84
CA TYR B 66 22.59 13.30 -16.65
C TYR B 66 23.38 12.82 -15.44
N ASP B 67 24.36 11.94 -15.65
CA ASP B 67 25.20 11.52 -14.55
C ASP B 67 26.08 12.66 -14.07
N LYS B 68 26.70 13.39 -15.01
CA LYS B 68 27.61 14.45 -14.61
C LYS B 68 26.87 15.62 -13.98
N SER B 69 25.63 15.84 -14.37
CA SER B 69 24.85 16.89 -13.71
C SER B 69 24.48 16.50 -12.30
N PHE B 70 24.03 15.26 -12.10
CA PHE B 70 23.49 14.84 -10.81
C PHE B 70 24.33 13.70 -10.24
N PRO B 71 25.18 13.98 -9.26
CA PRO B 71 25.80 12.87 -8.53
C PRO B 71 24.78 12.05 -7.76
N ILE B 72 23.89 12.70 -7.03
CA ILE B 72 22.77 12.05 -6.37
C ILE B 72 21.54 12.90 -6.55
N SER B 73 20.39 12.25 -6.48
CA SER B 73 19.16 13.01 -6.34
C SER B 73 19.10 13.61 -4.94
N HIS B 74 18.32 14.68 -4.80
CA HIS B 74 18.29 15.37 -3.53
C HIS B 74 17.53 14.61 -2.46
N VAL B 75 16.58 13.77 -2.87
CA VAL B 75 15.73 13.08 -1.92
C VAL B 75 16.52 12.06 -1.12
N ARG B 76 17.42 11.33 -1.79
CA ARG B 76 18.23 10.36 -1.07
C ARG B 76 19.26 11.04 -0.20
N PHE B 77 19.68 12.24 -0.60
CA PHE B 77 20.56 13.04 0.24
C PHE B 77 19.85 13.46 1.51
N TRP B 78 18.59 13.89 1.40
CA TRP B 78 17.83 14.26 2.59
C TRP B 78 17.53 13.05 3.46
N VAL B 79 17.36 11.88 2.85
CA VAL B 79 17.11 10.68 3.64
C VAL B 79 18.35 10.29 4.45
N LEU B 80 19.52 10.39 3.82
CA LEU B 80 20.74 10.14 4.58
C LEU B 80 20.96 11.18 5.67
N GLN B 81 20.56 12.42 5.41
CA GLN B 81 20.66 13.46 6.42
C GLN B 81 19.73 13.17 7.59
N ILE B 82 18.51 12.73 7.30
CA ILE B 82 17.55 12.47 8.37
C ILE B 82 17.89 11.18 9.10
N ILE B 83 18.71 10.31 8.52
CA ILE B 83 19.20 9.17 9.28
C ILE B 83 20.33 9.60 10.20
N PHE B 84 21.25 10.42 9.70
CA PHE B 84 22.40 10.78 10.50
C PHE B 84 22.09 11.79 11.58
N VAL B 85 21.00 12.56 11.46
CA VAL B 85 20.60 13.41 12.56
C VAL B 85 19.70 12.69 13.55
N SER B 86 19.35 11.44 13.28
CA SER B 86 18.47 10.70 14.16
C SER B 86 19.14 9.53 14.86
N VAL B 87 20.30 9.08 14.36
CA VAL B 87 21.10 8.16 15.16
C VAL B 87 21.54 8.73 16.50
N PRO B 88 22.20 9.95 16.59
CA PRO B 88 22.92 10.22 17.84
C PRO B 88 22.04 10.73 18.97
N THR B 89 20.72 10.58 18.83
CA THR B 89 19.81 10.80 19.94
C THR B 89 19.25 9.50 20.49
N LEU B 90 19.45 8.38 19.80
CA LEU B 90 18.91 7.12 20.27
C LEU B 90 19.69 6.61 21.47
N LEU B 91 21.01 6.81 21.48
CA LEU B 91 21.82 6.29 22.57
C LEU B 91 21.56 7.01 23.88
N TYR B 92 21.02 8.23 23.83
CA TYR B 92 20.57 8.88 25.05
C TYR B 92 19.39 8.14 25.66
N LEU B 93 18.43 7.76 24.82
CA LEU B 93 17.31 6.93 25.28
C LEU B 93 17.80 5.59 25.78
N ALA B 94 18.79 5.01 25.10
CA ALA B 94 19.33 3.72 25.52
C ALA B 94 20.01 3.83 26.87
N HIS B 95 20.74 4.91 27.10
CA HIS B 95 21.42 5.11 28.37
C HIS B 95 20.43 5.33 29.50
N VAL B 96 19.40 6.14 29.27
CA VAL B 96 18.45 6.39 30.35
C VAL B 96 17.59 5.17 30.59
N PHE B 97 17.34 4.35 29.56
CA PHE B 97 16.60 3.12 29.75
C PHE B 97 17.42 2.11 30.52
N TYR B 98 18.72 2.04 30.25
CA TYR B 98 19.61 1.14 30.96
C TYR B 98 19.75 1.54 32.42
N VAL B 99 19.91 2.83 32.69
CA VAL B 99 20.04 3.22 34.09
C VAL B 99 18.71 3.18 34.81
N MET B 100 17.58 3.31 34.12
CA MET B 100 16.30 3.12 34.77
C MET B 100 16.06 1.66 35.11
N ARG B 101 16.50 0.77 34.23
CA ARG B 101 16.48 -0.66 34.51
C ARG B 101 17.37 -1.00 35.70
N LYS B 102 18.55 -0.38 35.76
CA LYS B 102 19.46 -0.63 36.87
C LYS B 102 18.90 -0.08 38.18
N GLU B 103 18.20 1.05 38.12
CA GLU B 103 17.53 1.59 39.29
C GLU B 103 16.44 0.65 39.77
N GLU B 104 15.62 0.16 38.85
CA GLU B 104 14.53 -0.73 39.23
C GLU B 104 15.04 -2.11 39.67
N LYS B 105 16.25 -2.48 39.26
CA LYS B 105 16.86 -3.69 39.79
C LYS B 105 17.41 -3.46 41.19
N LEU B 106 18.05 -2.31 41.42
CA LEU B 106 18.81 -2.13 42.63
C LEU B 106 17.96 -1.72 43.83
N ASN B 107 16.86 -1.00 43.58
CA ASN B 107 16.10 -0.42 44.68
C ASN B 107 15.33 -1.46 45.47
N LYS B 108 14.96 -2.59 44.83
CA LYS B 108 14.10 -3.58 45.44
C LYS B 108 14.86 -4.68 46.17
N LYS B 109 16.07 -4.37 46.64
CA LYS B 109 16.86 -5.33 47.42
C LYS B 109 16.68 -5.15 48.91
N GLU B 110 15.51 -4.73 49.35
CA GLU B 110 15.27 -4.45 50.76
C GLU B 110 14.23 -5.40 51.35
N LYS B 144 10.23 9.73 38.45
CA LYS B 144 10.46 11.05 37.91
C LYS B 144 11.68 11.01 37.00
N VAL B 145 12.20 12.18 36.64
CA VAL B 145 13.40 12.30 35.83
C VAL B 145 14.20 13.50 36.34
N LYS B 146 15.48 13.28 36.61
CA LYS B 146 16.36 14.35 37.07
C LYS B 146 17.75 14.11 36.52
N MET B 147 18.21 15.00 35.65
CA MET B 147 19.49 14.84 34.98
C MET B 147 20.61 15.16 35.95
N ARG B 148 21.36 14.13 36.35
CA ARG B 148 22.47 14.29 37.28
C ARG B 148 23.57 13.30 36.91
N GLY B 149 24.79 13.66 37.26
CA GLY B 149 25.93 12.77 37.14
C GLY B 149 26.55 12.68 35.76
N GLY B 150 25.92 11.92 34.87
CA GLY B 150 26.51 11.69 33.57
C GLY B 150 25.56 11.97 32.43
N LEU B 151 24.28 12.14 32.77
CA LEU B 151 23.26 12.41 31.76
C LEU B 151 23.46 13.77 31.12
N LEU B 152 24.03 14.71 31.89
CA LEU B 152 24.44 15.99 31.33
C LEU B 152 25.47 15.80 30.23
N ARG B 153 26.43 14.90 30.46
CA ARG B 153 27.51 14.68 29.51
C ARG B 153 26.99 14.05 28.22
N THR B 154 26.16 13.01 28.36
CA THR B 154 25.54 12.38 27.21
C THR B 154 24.66 13.34 26.44
N TYR B 155 23.93 14.20 27.17
CA TYR B 155 23.04 15.15 26.55
C TYR B 155 23.80 16.17 25.72
N ILE B 156 24.89 16.72 26.29
CA ILE B 156 25.60 17.75 25.56
C ILE B 156 26.38 17.17 24.40
N ILE B 157 26.87 15.93 24.52
CA ILE B 157 27.58 15.41 23.36
C ILE B 157 26.61 14.97 22.28
N SER B 158 25.38 14.60 22.65
CA SER B 158 24.37 14.30 21.65
C SER B 158 23.97 15.54 20.87
N ILE B 159 23.75 16.65 21.58
CA ILE B 159 23.38 17.89 20.91
C ILE B 159 24.54 18.41 20.07
N LEU B 160 25.78 18.22 20.55
CA LEU B 160 26.94 18.63 19.77
C LEU B 160 27.09 17.83 18.50
N PHE B 161 26.85 16.51 18.57
CA PHE B 161 26.95 15.68 17.39
C PHE B 161 25.85 16.01 16.38
N LYS B 162 24.64 16.30 16.88
CA LYS B 162 23.55 16.71 16.00
C LYS B 162 23.87 18.02 15.29
N SER B 163 24.45 18.98 16.01
CA SER B 163 24.80 20.26 15.41
C SER B 163 25.89 20.12 14.37
N ILE B 164 26.93 19.33 14.66
CA ILE B 164 28.03 19.25 13.72
C ILE B 164 27.63 18.43 12.49
N PHE B 165 26.76 17.44 12.65
CA PHE B 165 26.27 16.72 11.48
C PHE B 165 25.39 17.60 10.62
N GLU B 166 24.59 18.47 11.26
CA GLU B 166 23.75 19.40 10.53
C GLU B 166 24.57 20.37 9.68
N VAL B 167 25.58 20.97 10.30
CA VAL B 167 26.37 21.94 9.56
C VAL B 167 27.24 21.25 8.53
N ALA B 168 27.61 19.98 8.75
CA ALA B 168 28.39 19.26 7.75
C ALA B 168 27.56 18.94 6.52
N PHE B 169 26.32 18.49 6.71
CA PHE B 169 25.47 18.19 5.58
C PHE B 169 25.11 19.45 4.80
N LEU B 170 24.86 20.55 5.52
CA LEU B 170 24.53 21.78 4.83
C LEU B 170 25.71 22.33 4.06
N LEU B 171 26.92 22.18 4.62
CA LEU B 171 28.13 22.62 3.94
C LEU B 171 28.36 21.81 2.67
N ILE B 172 28.13 20.51 2.73
CA ILE B 172 28.34 19.66 1.56
C ILE B 172 27.33 19.98 0.48
N GLN B 173 26.07 20.25 0.86
CA GLN B 173 25.06 20.60 -0.12
C GLN B 173 25.36 21.93 -0.77
N TRP B 174 25.90 22.90 -0.02
CA TRP B 174 26.30 24.14 -0.65
C TRP B 174 27.52 23.97 -1.53
N TYR B 175 28.40 23.03 -1.17
CA TYR B 175 29.62 22.85 -1.94
C TYR B 175 29.32 22.21 -3.29
N ILE B 176 28.39 21.26 -3.34
CA ILE B 176 28.15 20.56 -4.60
C ILE B 176 27.13 21.29 -5.45
N TYR B 177 25.94 21.56 -4.92
CA TYR B 177 24.84 21.97 -5.77
C TYR B 177 24.58 23.46 -5.78
N GLY B 178 24.91 24.17 -4.71
CA GLY B 178 24.37 25.52 -4.65
C GLY B 178 22.91 25.45 -4.26
N PHE B 179 22.22 26.57 -4.43
CA PHE B 179 20.82 26.65 -4.06
C PHE B 179 19.99 27.25 -5.17
N SER B 180 20.33 26.92 -6.40
CA SER B 180 19.55 27.34 -7.55
C SER B 180 19.83 26.38 -8.68
N LEU B 181 18.86 26.19 -9.55
CA LEU B 181 19.00 25.32 -10.70
C LEU B 181 18.65 26.09 -11.96
N SER B 182 19.60 26.16 -12.88
CA SER B 182 19.34 26.78 -14.17
C SER B 182 18.60 25.79 -15.05
N ALA B 183 17.81 26.33 -15.97
CA ALA B 183 17.06 25.47 -16.86
C ALA B 183 17.96 24.83 -17.91
N VAL B 184 19.02 25.51 -18.30
CA VAL B 184 19.92 25.05 -19.35
C VAL B 184 21.24 24.67 -18.73
N TYR B 185 21.77 23.52 -19.09
CA TYR B 185 23.05 23.06 -18.60
C TYR B 185 23.97 22.79 -19.78
N THR B 186 25.25 23.09 -19.61
CA THR B 186 26.26 22.82 -20.61
C THR B 186 27.09 21.62 -20.16
N CYS B 187 27.16 20.61 -21.01
CA CYS B 187 27.80 19.34 -20.70
C CYS B 187 29.00 19.14 -21.61
N LYS B 188 30.10 18.68 -21.03
CA LYS B 188 31.41 18.66 -21.67
C LYS B 188 32.13 17.35 -21.37
N ARG B 189 31.49 16.23 -21.66
CA ARG B 189 32.06 14.94 -21.32
C ARG B 189 32.09 14.01 -22.52
N ASP B 190 33.06 13.12 -22.53
CA ASP B 190 33.11 12.04 -23.48
C ASP B 190 31.98 11.06 -23.19
N PRO B 191 31.47 10.34 -24.22
CA PRO B 191 31.82 10.32 -25.63
C PRO B 191 31.03 11.31 -26.45
N CYS B 192 30.47 12.31 -25.81
CA CYS B 192 29.76 13.34 -26.55
C CYS B 192 30.77 14.25 -27.24
N PRO B 193 30.38 14.91 -28.34
CA PRO B 193 31.23 15.99 -28.88
C PRO B 193 31.27 17.18 -27.93
N HIS B 194 32.14 18.14 -28.28
CA HIS B 194 32.71 19.19 -27.44
C HIS B 194 31.84 19.78 -26.35
N GLN B 195 30.70 20.36 -26.71
CA GLN B 195 29.75 20.87 -25.74
C GLN B 195 28.35 20.53 -26.22
N VAL B 196 27.47 20.21 -25.27
CA VAL B 196 26.06 19.97 -25.58
C VAL B 196 25.21 20.70 -24.56
N ASP B 197 23.97 20.99 -24.94
CA ASP B 197 23.04 21.66 -24.04
C ASP B 197 21.96 20.68 -23.59
N CYS B 198 21.62 20.74 -22.32
CA CYS B 198 20.62 19.87 -21.73
C CYS B 198 19.58 20.70 -21.01
N PHE B 199 18.36 20.19 -20.99
CA PHE B 199 17.23 20.89 -20.41
C PHE B 199 16.61 20.01 -19.34
N LEU B 200 16.42 20.56 -18.15
CA LEU B 200 15.88 19.79 -17.06
C LEU B 200 14.36 19.76 -17.12
N SER B 201 13.74 19.32 -16.02
CA SER B 201 12.29 19.32 -15.88
C SER B 201 11.92 19.91 -14.53
N ARG B 202 11.02 20.88 -14.55
CA ARG B 202 10.51 21.65 -13.42
C ARG B 202 11.63 22.21 -12.55
N PRO B 203 12.36 23.21 -12.98
CA PRO B 203 13.43 23.73 -12.12
C PRO B 203 12.89 24.58 -10.97
N THR B 204 11.77 25.28 -11.22
CA THR B 204 11.26 26.25 -10.27
C THR B 204 10.75 25.58 -9.01
N GLU B 205 9.95 24.54 -9.17
CA GLU B 205 9.39 23.82 -8.02
C GLU B 205 10.48 23.16 -7.19
N LYS B 206 11.50 22.64 -7.86
CA LYS B 206 12.59 22.00 -7.14
C LYS B 206 13.42 23.01 -6.36
N THR B 207 13.62 24.20 -6.94
CA THR B 207 14.34 25.23 -6.20
C THR B 207 13.54 25.70 -4.99
N ILE B 208 12.21 25.77 -5.14
CA ILE B 208 11.34 26.14 -4.03
C ILE B 208 11.48 25.14 -2.89
N PHE B 209 11.43 23.86 -3.21
CA PHE B 209 11.54 22.86 -2.15
C PHE B 209 12.93 22.78 -1.56
N ILE B 210 13.96 23.11 -2.35
CA ILE B 210 15.31 23.17 -1.83
C ILE B 210 15.43 24.29 -0.79
N ILE B 211 14.88 25.45 -1.11
CA ILE B 211 14.86 26.58 -0.18
C ILE B 211 14.10 26.21 1.09
N PHE B 212 13.01 25.45 0.92
CA PHE B 212 12.18 25.08 2.05
C PHE B 212 12.90 24.14 3.01
N MET B 213 13.56 23.11 2.47
CA MET B 213 14.33 22.22 3.34
C MET B 213 15.51 22.93 3.97
N LEU B 214 16.08 23.92 3.26
CA LEU B 214 17.16 24.71 3.83
C LEU B 214 16.71 25.49 5.04
N VAL B 215 15.56 26.17 4.94
CA VAL B 215 15.14 27.00 6.06
C VAL B 215 14.64 26.15 7.23
N VAL B 216 14.13 24.94 6.94
CA VAL B 216 13.78 24.03 8.01
C VAL B 216 15.02 23.57 8.77
N SER B 217 16.08 23.23 8.03
CA SER B 217 17.33 22.84 8.68
C SER B 217 17.93 23.99 9.49
N LEU B 218 17.79 25.21 8.99
CA LEU B 218 18.33 26.37 9.69
C LEU B 218 17.61 26.60 11.02
N VAL B 219 16.28 26.56 11.00
CA VAL B 219 15.59 26.79 12.26
C VAL B 219 15.73 25.61 13.21
N SER B 220 15.98 24.40 12.70
CA SER B 220 16.27 23.28 13.59
C SER B 220 17.59 23.48 14.31
N LEU B 221 18.62 23.93 13.58
CA LEU B 221 19.90 24.21 14.20
C LEU B 221 19.80 25.32 15.24
N ALA B 222 19.04 26.38 14.92
CA ALA B 222 18.89 27.48 15.86
C ALA B 222 18.14 27.06 17.11
N LEU B 223 17.14 26.17 16.95
CA LEU B 223 16.41 25.67 18.10
C LEU B 223 17.30 24.81 18.99
N ASN B 224 18.16 23.98 18.38
CA ASN B 224 19.09 23.17 19.17
C ASN B 224 20.08 24.04 19.94
N ILE B 225 20.54 25.12 19.31
CA ILE B 225 21.52 25.99 19.94
C ILE B 225 20.89 26.72 21.13
N ILE B 226 19.69 27.27 20.94
CA ILE B 226 19.06 28.00 22.04
C ILE B 226 18.62 27.04 23.14
N GLU B 227 18.33 25.78 22.79
CA GLU B 227 17.99 24.78 23.80
C GLU B 227 19.19 24.45 24.67
N LEU B 228 20.35 24.23 24.04
CA LEU B 228 21.57 23.95 24.80
C LEU B 228 21.98 25.16 25.64
N PHE B 229 21.78 26.36 25.13
CA PHE B 229 22.08 27.58 25.86
C PHE B 229 21.20 27.70 27.10
N TYR B 230 19.90 27.44 26.95
CA TYR B 230 18.98 27.50 28.08
C TYR B 230 19.29 26.43 29.11
N VAL B 231 19.66 25.24 28.66
CA VAL B 231 19.94 24.15 29.59
C VAL B 231 21.23 24.42 30.36
N PHE B 232 22.24 24.96 29.69
CA PHE B 232 23.48 25.30 30.40
C PHE B 232 23.28 26.47 31.35
N PHE B 233 22.43 27.44 30.98
CA PHE B 233 22.12 28.54 31.87
C PHE B 233 21.37 28.06 33.10
N LYS B 234 20.43 27.14 32.93
CA LYS B 234 19.72 26.60 34.08
C LYS B 234 20.62 25.68 34.90
N GLY B 235 21.59 25.04 34.26
CA GLY B 235 22.51 24.17 34.98
C GLY B 235 23.55 24.92 35.78
N VAL B 236 23.93 26.12 35.33
CA VAL B 236 24.78 26.97 36.16
C VAL B 236 23.96 27.83 37.11
N LYS B 237 22.65 27.93 36.90
CA LYS B 237 21.79 28.63 37.85
C LYS B 237 21.30 27.69 38.97
N ASP B 238 20.64 26.58 38.59
CA ASP B 238 20.07 25.57 39.49
C ASP B 238 19.14 26.16 40.55
N GLY C 2 0.92 9.81 -0.33
CA GLY C 2 1.61 9.71 0.95
C GLY C 2 0.68 9.36 2.09
N ASP C 3 1.26 8.89 3.19
CA ASP C 3 0.47 8.51 4.37
C ASP C 3 0.05 9.74 5.16
N TRP C 4 -1.21 9.75 5.61
CA TRP C 4 -1.73 10.87 6.37
C TRP C 4 -2.20 10.41 7.75
N SER C 5 -1.52 9.42 8.30
CA SER C 5 -1.87 8.88 9.62
C SER C 5 -0.83 9.29 10.67
N ALA C 6 -0.26 10.48 10.50
CA ALA C 6 0.66 11.00 11.49
C ALA C 6 -0.20 11.90 12.39
N LEU C 7 -0.69 12.98 11.80
CA LEU C 7 -1.52 13.94 12.52
C LEU C 7 -2.77 13.37 13.22
N GLY C 8 -3.39 12.35 12.63
CA GLY C 8 -4.58 11.77 13.22
C GLY C 8 -4.42 11.36 14.67
N LYS C 9 -3.25 10.86 15.05
CA LYS C 9 -3.05 10.44 16.43
C LYS C 9 -2.76 11.65 17.31
N LEU C 10 -2.97 12.83 16.72
CA LEU C 10 -2.71 14.12 17.34
C LEU C 10 -3.94 15.01 17.28
N LEU C 11 -4.61 15.06 16.13
CA LEU C 11 -5.86 15.79 16.04
C LEU C 11 -7.03 15.06 16.69
N ASP C 12 -6.89 13.75 16.92
CA ASP C 12 -7.90 13.04 17.69
C ASP C 12 -7.86 13.44 19.15
N LYS C 13 -6.66 13.60 19.70
CA LYS C 13 -6.52 13.95 21.11
C LYS C 13 -7.03 15.35 21.40
N VAL C 14 -6.95 16.26 20.42
CA VAL C 14 -7.56 17.58 20.61
C VAL C 14 -9.06 17.53 20.42
N GLN C 15 -9.59 16.45 19.85
CA GLN C 15 -11.04 16.27 19.75
C GLN C 15 -11.58 15.57 21.00
N ALA C 16 -11.18 16.06 22.14
CA ALA C 16 -11.73 15.69 23.43
C ALA C 16 -12.08 16.91 24.27
N TYR C 17 -11.32 18.00 24.15
CA TYR C 17 -11.49 19.16 25.01
C TYR C 17 -11.37 20.45 24.21
N SER C 18 -12.10 20.54 23.09
CA SER C 18 -12.27 21.79 22.38
C SER C 18 -13.75 22.13 22.32
N THR C 19 -14.04 23.38 21.92
CA THR C 19 -15.41 23.82 21.78
C THR C 19 -16.05 23.23 20.53
N ALA C 20 -17.37 23.42 20.41
CA ALA C 20 -18.15 22.78 19.36
C ALA C 20 -17.79 23.32 17.98
N GLY C 21 -17.50 24.62 17.90
CA GLY C 21 -17.02 25.18 16.65
C GLY C 21 -15.66 24.63 16.26
N GLY C 22 -14.80 24.40 17.26
CA GLY C 22 -13.53 23.74 16.99
C GLY C 22 -13.73 22.31 16.54
N LYS C 23 -14.74 21.62 17.09
CA LYS C 23 -15.01 20.25 16.69
C LYS C 23 -15.53 20.19 15.26
N VAL C 24 -16.43 21.11 14.88
CA VAL C 24 -16.95 21.04 13.52
C VAL C 24 -15.92 21.54 12.51
N TRP C 25 -15.01 22.44 12.93
CA TRP C 25 -13.94 22.84 12.03
C TRP C 25 -12.93 21.72 11.84
N LEU C 26 -12.63 20.98 12.92
CA LEU C 26 -11.79 19.80 12.79
C LEU C 26 -12.44 18.75 11.91
N SER C 27 -13.77 18.63 12.00
CA SER C 27 -14.48 17.66 11.19
C SER C 27 -14.45 18.01 9.71
N VAL C 28 -14.62 19.30 9.38
CA VAL C 28 -14.62 19.67 7.96
C VAL C 28 -13.20 19.62 7.40
N LEU C 29 -12.20 19.98 8.22
CA LEU C 29 -10.81 19.86 7.80
C LEU C 29 -10.43 18.41 7.58
N PHE C 30 -11.02 17.52 8.38
CA PHE C 30 -10.78 16.10 8.25
C PHE C 30 -11.42 15.55 7.00
N ILE C 31 -12.73 15.76 6.85
CA ILE C 31 -13.47 14.98 5.87
C ILE C 31 -13.43 15.63 4.48
N PHE C 32 -13.19 16.93 4.38
CA PHE C 32 -13.33 17.57 3.09
C PHE C 32 -12.01 17.96 2.45
N ARG C 33 -10.90 17.87 3.18
CA ARG C 33 -9.61 18.20 2.59
C ARG C 33 -8.70 16.98 2.49
N ILE C 34 -8.41 16.34 3.62
CA ILE C 34 -7.45 15.24 3.61
C ILE C 34 -8.05 14.03 2.93
N LEU C 35 -9.36 13.86 3.05
CA LEU C 35 -10.02 12.77 2.38
C LEU C 35 -10.13 13.03 0.89
N LEU C 36 -10.42 14.27 0.51
CA LEU C 36 -10.55 14.58 -0.90
C LEU C 36 -9.21 14.55 -1.61
N LEU C 37 -8.12 14.83 -0.89
CA LEU C 37 -6.83 14.92 -1.54
C LEU C 37 -6.27 13.55 -1.87
N GLY C 38 -6.62 12.53 -1.10
CA GLY C 38 -6.05 11.23 -1.37
C GLY C 38 -6.86 10.47 -2.39
N THR C 39 -8.14 10.80 -2.49
CA THR C 39 -9.08 9.94 -3.22
C THR C 39 -9.04 10.18 -4.72
N ALA C 40 -9.46 11.36 -5.15
CA ALA C 40 -9.69 11.62 -6.55
C ALA C 40 -8.83 12.71 -7.14
N VAL C 41 -8.60 13.80 -6.40
CA VAL C 41 -7.92 14.94 -6.99
C VAL C 41 -6.42 14.69 -7.12
N GLU C 42 -5.96 13.59 -6.53
CA GLU C 42 -4.58 13.17 -6.62
C GLU C 42 -4.41 12.37 -7.91
N SER C 43 -5.51 11.74 -8.35
CA SER C 43 -5.47 10.96 -9.58
C SER C 43 -5.47 11.85 -10.81
N ALA C 44 -6.17 12.99 -10.73
CA ALA C 44 -6.35 13.84 -11.89
C ALA C 44 -5.06 14.54 -12.31
N TRP C 45 -4.15 14.76 -11.36
CA TRP C 45 -2.85 15.33 -11.66
C TRP C 45 -1.82 14.28 -11.99
N GLY C 46 -2.25 13.11 -12.44
CA GLY C 46 -1.33 12.03 -12.71
C GLY C 46 -0.49 12.28 -13.94
N ASP C 47 -1.12 12.33 -15.11
CA ASP C 47 -0.41 12.54 -16.35
C ASP C 47 -0.25 14.05 -16.61
N GLU C 48 0.45 14.67 -15.68
CA GLU C 48 0.71 16.10 -15.67
C GLU C 48 1.58 16.59 -16.82
N GLN C 49 2.78 16.06 -16.89
CA GLN C 49 3.76 16.49 -17.87
C GLN C 49 3.77 15.62 -19.11
N SER C 50 3.24 14.41 -19.03
CA SER C 50 3.29 13.52 -20.19
C SER C 50 2.30 13.97 -21.26
N ALA C 51 1.10 14.34 -20.86
CA ALA C 51 0.10 14.73 -21.85
C ALA C 51 0.26 16.15 -22.32
N PHE C 52 1.11 16.95 -21.67
CA PHE C 52 1.35 18.31 -22.08
C PHE C 52 2.06 18.34 -23.42
N ARG C 53 1.66 19.26 -24.29
CA ARG C 53 2.19 19.24 -25.65
C ARG C 53 2.08 20.62 -26.28
N CYS C 54 3.17 21.07 -26.89
CA CYS C 54 3.15 22.28 -27.70
C CYS C 54 3.50 21.93 -29.14
N ASN C 55 3.15 22.83 -30.04
CA ASN C 55 3.24 22.59 -31.48
C ASN C 55 4.55 23.19 -31.99
N THR C 56 5.58 22.35 -32.03
CA THR C 56 6.85 22.75 -32.63
C THR C 56 7.56 21.51 -33.12
N GLN C 57 8.77 21.72 -33.62
CA GLN C 57 9.66 20.64 -33.97
C GLN C 57 11.00 20.75 -33.26
N GLN C 58 11.25 21.85 -32.57
CA GLN C 58 12.46 22.12 -31.83
C GLN C 58 12.52 21.24 -30.58
N PRO C 59 13.66 20.63 -30.29
CA PRO C 59 13.75 19.80 -29.08
C PRO C 59 13.83 20.65 -27.82
N GLY C 60 13.19 20.16 -26.77
CA GLY C 60 13.34 20.70 -25.45
C GLY C 60 12.55 21.95 -25.14
N CYS C 61 11.79 22.49 -26.10
CA CYS C 61 11.01 23.69 -25.81
C CYS C 61 9.86 23.38 -24.87
N GLU C 62 9.37 22.14 -24.88
CA GLU C 62 8.20 21.75 -24.11
C GLU C 62 8.45 21.87 -22.62
N ASN C 63 9.66 21.53 -22.18
CA ASN C 63 9.98 21.61 -20.76
C ASN C 63 10.01 23.05 -20.28
N VAL C 64 10.56 23.94 -21.11
CA VAL C 64 10.64 25.35 -20.72
C VAL C 64 9.26 25.98 -20.69
N CYS C 65 8.41 25.64 -21.66
CA CYS C 65 7.08 26.24 -21.67
C CYS C 65 6.22 25.66 -20.55
N TYR C 66 6.37 24.37 -20.24
CA TYR C 66 5.66 23.79 -19.12
C TYR C 66 6.14 24.37 -17.80
N ASP C 67 7.42 24.73 -17.71
CA ASP C 67 7.92 25.37 -16.51
C ASP C 67 7.34 26.76 -16.35
N LYS C 68 7.32 27.53 -17.45
CA LYS C 68 6.86 28.91 -17.35
C LYS C 68 5.36 28.96 -17.11
N SER C 69 4.62 27.97 -17.59
CA SER C 69 3.19 27.94 -17.29
C SER C 69 2.92 27.60 -15.84
N PHE C 70 3.63 26.63 -15.30
CA PHE C 70 3.36 26.11 -13.96
C PHE C 70 4.56 26.32 -13.06
N PRO C 71 4.53 27.30 -12.17
CA PRO C 71 5.56 27.36 -11.13
C PRO C 71 5.47 26.16 -10.19
N ILE C 72 4.28 25.85 -9.71
CA ILE C 72 4.05 24.65 -8.92
C ILE C 72 2.75 24.02 -9.38
N SER C 73 2.64 22.71 -9.17
CA SER C 73 1.35 22.09 -9.28
C SER C 73 0.46 22.53 -8.12
N HIS C 74 -0.85 22.43 -8.33
CA HIS C 74 -1.76 22.93 -7.32
C HIS C 74 -1.84 22.02 -6.10
N VAL C 75 -1.55 20.74 -6.28
CA VAL C 75 -1.70 19.79 -5.19
C VAL C 75 -0.67 20.05 -4.10
N ARG C 76 0.57 20.34 -4.49
CA ARG C 76 1.59 20.61 -3.50
C ARG C 76 1.36 21.96 -2.84
N PHE C 77 0.73 22.88 -3.56
CA PHE C 77 0.33 24.14 -2.97
C PHE C 77 -0.73 23.92 -1.89
N TRP C 78 -1.71 23.06 -2.16
CA TRP C 78 -2.72 22.76 -1.16
C TRP C 78 -2.14 21.99 0.02
N VAL C 79 -1.13 21.17 -0.22
CA VAL C 79 -0.50 20.45 0.87
C VAL C 79 0.25 21.40 1.79
N LEU C 80 0.96 22.37 1.21
CA LEU C 80 1.61 23.37 2.04
C LEU C 80 0.60 24.23 2.79
N GLN C 81 -0.53 24.50 2.16
CA GLN C 81 -1.60 25.24 2.82
C GLN C 81 -2.16 24.46 3.99
N ILE C 82 -2.38 23.16 3.81
CA ILE C 82 -2.95 22.36 4.88
C ILE C 82 -1.93 22.07 5.96
N ILE C 83 -0.64 22.26 5.69
CA ILE C 83 0.33 22.18 6.76
C ILE C 83 0.34 23.48 7.55
N PHE C 84 0.29 24.61 6.86
CA PHE C 84 0.40 25.88 7.56
C PHE C 84 -0.86 26.28 8.29
N VAL C 85 -2.02 25.72 7.91
CA VAL C 85 -3.22 25.98 8.70
C VAL C 85 -3.37 24.97 9.83
N SER C 86 -2.47 23.99 9.93
CA SER C 86 -2.58 22.99 10.96
C SER C 86 -1.46 23.05 11.99
N VAL C 87 -0.35 23.72 11.68
CA VAL C 87 0.61 24.04 12.74
C VAL C 87 0.02 24.88 13.87
N PRO C 88 -0.64 26.07 13.62
CA PRO C 88 -0.80 26.99 14.76
C PRO C 88 -1.98 26.66 15.65
N THR C 89 -2.52 25.45 15.53
CA THR C 89 -3.48 24.93 16.49
C THR C 89 -2.88 23.86 17.39
N LEU C 90 -1.69 23.36 17.06
CA LEU C 90 -1.07 22.32 17.86
C LEU C 90 -0.57 22.87 19.18
N LEU C 91 -0.04 24.08 19.17
CA LEU C 91 0.53 24.65 20.39
C LEU C 91 -0.53 24.97 21.42
N TYR C 92 -1.80 25.13 21.00
CA TYR C 92 -2.88 25.25 21.96
C TYR C 92 -3.07 23.95 22.73
N LEU C 93 -3.05 22.82 22.01
CA LEU C 93 -3.10 21.52 22.65
C LEU C 93 -1.89 21.31 23.54
N ALA C 94 -0.73 21.76 23.09
CA ALA C 94 0.50 21.61 23.88
C ALA C 94 0.42 22.42 25.17
N HIS C 95 -0.13 23.62 25.09
CA HIS C 95 -0.26 24.46 26.27
C HIS C 95 -1.28 23.89 27.25
N VAL C 96 -2.41 23.40 26.76
CA VAL C 96 -3.40 22.86 27.69
C VAL C 96 -2.93 21.53 28.25
N PHE C 97 -2.13 20.78 27.50
CA PHE C 97 -1.58 19.53 28.02
C PHE C 97 -0.53 19.81 29.08
N TYR C 98 0.28 20.85 28.88
CA TYR C 98 1.30 21.22 29.86
C TYR C 98 0.65 21.73 31.13
N VAL C 99 -0.37 22.58 31.02
CA VAL C 99 -0.98 23.07 32.24
C VAL C 99 -1.85 22.01 32.91
N MET C 100 -2.36 21.02 32.17
CA MET C 100 -3.08 19.93 32.81
C MET C 100 -2.11 19.02 33.56
N ARG C 101 -0.92 18.82 32.99
CA ARG C 101 0.14 18.11 33.68
C ARG C 101 0.58 18.84 34.94
N LYS C 102 0.68 20.17 34.85
CA LYS C 102 1.07 20.97 36.02
C LYS C 102 -0.01 20.95 37.09
N GLU C 103 -1.27 20.91 36.67
CA GLU C 103 -2.38 20.78 37.61
C GLU C 103 -2.33 19.44 38.32
N GLU C 104 -2.13 18.37 37.55
CA GLU C 104 -2.08 17.04 38.14
C GLU C 104 -0.82 16.82 38.98
N LYS C 105 0.23 17.60 38.74
CA LYS C 105 1.39 17.56 39.62
C LYS C 105 1.13 18.33 40.90
N LEU C 106 0.47 19.49 40.81
CA LEU C 106 0.41 20.39 41.94
C LEU C 106 -0.69 20.03 42.93
N ASN C 107 -1.78 19.44 42.45
CA ASN C 107 -2.94 19.24 43.31
C ASN C 107 -2.71 18.15 44.35
N LYS C 108 -1.84 17.19 44.05
CA LYS C 108 -1.65 16.01 44.90
C LYS C 108 -0.57 16.19 45.94
N LYS C 109 -0.29 17.44 46.34
CA LYS C 109 0.69 17.72 47.38
C LYS C 109 0.06 17.85 48.76
N GLU C 110 -1.02 17.12 49.02
CA GLU C 110 -1.74 17.25 50.27
C GLU C 110 -1.68 15.96 51.08
N LYS C 144 -12.57 18.67 34.20
CA LYS C 144 -13.38 19.47 33.30
C LYS C 144 -12.46 20.37 32.48
N VAL C 145 -13.04 21.37 31.81
CA VAL C 145 -12.28 22.35 31.04
C VAL C 145 -12.96 23.70 31.20
N LYS C 146 -12.18 24.72 31.56
CA LYS C 146 -12.70 26.06 31.71
C LYS C 146 -11.62 27.06 31.30
N MET C 147 -11.86 27.78 30.22
CA MET C 147 -10.88 28.69 29.67
C MET C 147 -10.79 29.94 30.54
N ARG C 148 -9.68 30.10 31.25
CA ARG C 148 -9.46 31.24 32.12
C ARG C 148 -7.98 31.61 32.10
N GLY C 149 -7.72 32.88 32.36
CA GLY C 149 -6.37 33.38 32.54
C GLY C 149 -5.60 33.67 31.27
N GLY C 150 -5.10 32.63 30.62
CA GLY C 150 -4.25 32.85 29.46
C GLY C 150 -4.67 32.03 28.26
N LEU C 151 -5.58 31.07 28.50
CA LEU C 151 -6.07 30.23 27.43
C LEU C 151 -6.89 31.01 26.42
N LEU C 152 -7.56 32.07 26.89
CA LEU C 152 -8.22 33.01 26.00
C LEU C 152 -7.23 33.64 25.04
N ARG C 153 -6.06 34.02 25.55
CA ARG C 153 -5.05 34.70 24.74
C ARG C 153 -4.49 33.77 23.68
N THR C 154 -4.13 32.55 24.09
CA THR C 154 -3.63 31.54 23.15
C THR C 154 -4.68 31.20 22.11
N TYR C 155 -5.94 31.11 22.54
CA TYR C 155 -7.02 30.77 21.63
C TYR C 155 -7.22 31.83 20.57
N ILE C 156 -7.23 33.10 20.98
CA ILE C 156 -7.51 34.14 20.01
C ILE C 156 -6.31 34.35 19.09
N ILE C 157 -5.09 34.14 19.58
CA ILE C 157 -3.97 34.34 18.65
C ILE C 157 -3.86 33.14 17.71
N SER C 158 -4.30 31.95 18.14
CA SER C 158 -4.33 30.81 17.24
C SER C 158 -5.33 31.02 16.12
N ILE C 159 -6.53 31.49 16.47
CA ILE C 159 -7.55 31.73 15.46
C ILE C 159 -7.14 32.87 14.53
N LEU C 160 -6.45 33.88 15.09
CA LEU C 160 -5.97 34.98 14.25
C LEU C 160 -4.90 34.52 13.28
N PHE C 161 -3.99 33.66 13.73
CA PHE C 161 -2.95 33.16 12.85
C PHE C 161 -3.53 32.26 11.75
N LYS C 162 -4.54 31.45 12.10
CA LYS C 162 -5.21 30.63 11.11
C LYS C 162 -5.91 31.48 10.06
N SER C 163 -6.56 32.55 10.48
CA SER C 163 -7.26 33.43 9.55
C SER C 163 -6.29 34.15 8.63
N ILE C 164 -5.18 34.66 9.17
CA ILE C 164 -4.28 35.43 8.32
C ILE C 164 -3.51 34.52 7.38
N PHE C 165 -3.21 33.27 7.79
CA PHE C 165 -2.58 32.34 6.88
C PHE C 165 -3.54 31.94 5.76
N GLU C 166 -4.82 31.80 6.10
CA GLU C 166 -5.82 31.46 5.10
C GLU C 166 -5.95 32.54 4.04
N VAL C 167 -6.07 33.79 4.48
CA VAL C 167 -6.23 34.87 3.51
C VAL C 167 -4.94 35.12 2.75
N ALA C 168 -3.78 34.80 3.35
CA ALA C 168 -2.52 34.96 2.64
C ALA C 168 -2.38 33.93 1.52
N PHE C 169 -2.72 32.67 1.80
CA PHE C 169 -2.63 31.65 0.78
C PHE C 169 -3.64 31.89 -0.35
N LEU C 170 -4.84 32.34 0.01
CA LEU C 170 -5.83 32.60 -1.02
C LEU C 170 -5.45 33.80 -1.87
N LEU C 171 -4.84 34.81 -1.27
CA LEU C 171 -4.36 35.97 -2.00
C LEU C 171 -3.26 35.58 -2.97
N ILE C 172 -2.34 34.73 -2.54
CA ILE C 172 -1.23 34.31 -3.41
C ILE C 172 -1.74 33.49 -4.56
N GLN C 173 -2.73 32.61 -4.31
CA GLN C 173 -3.28 31.80 -5.38
C GLN C 173 -4.04 32.66 -6.39
N TRP C 174 -4.72 33.71 -5.93
CA TRP C 174 -5.35 34.60 -6.89
C TRP C 174 -4.32 35.44 -7.64
N TYR C 175 -3.20 35.76 -6.99
CA TYR C 175 -2.21 36.59 -7.65
C TYR C 175 -1.49 35.82 -8.75
N ILE C 176 -1.21 34.55 -8.55
CA ILE C 176 -0.43 33.82 -9.55
C ILE C 176 -1.34 33.22 -10.61
N TYR C 177 -2.32 32.41 -10.23
CA TYR C 177 -3.02 31.58 -11.19
C TYR C 177 -4.35 32.13 -11.64
N GLY C 178 -5.04 32.91 -10.82
CA GLY C 178 -6.42 33.16 -11.17
C GLY C 178 -7.24 31.93 -10.83
N PHE C 179 -8.46 31.90 -11.35
CA PHE C 179 -9.37 30.81 -11.05
C PHE C 179 -10.00 30.27 -12.31
N SER C 180 -9.23 30.22 -13.38
CA SER C 180 -9.68 29.62 -14.63
C SER C 180 -8.45 29.23 -15.42
N LEU C 181 -8.59 28.18 -16.23
CA LEU C 181 -7.51 27.70 -17.07
C LEU C 181 -7.97 27.64 -18.51
N SER C 182 -7.30 28.38 -19.38
CA SER C 182 -7.58 28.30 -20.79
C SER C 182 -6.94 27.05 -21.38
N ALA C 183 -7.56 26.54 -22.43
CA ALA C 183 -7.02 25.34 -23.05
C ALA C 183 -5.75 25.64 -23.84
N VAL C 184 -5.63 26.85 -24.38
CA VAL C 184 -4.51 27.22 -25.23
C VAL C 184 -3.67 28.23 -24.48
N TYR C 185 -2.37 28.03 -24.47
CA TYR C 185 -1.45 28.95 -23.83
C TYR C 185 -0.43 29.43 -24.85
N THR C 186 -0.03 30.70 -24.73
CA THR C 186 0.99 31.29 -25.58
C THR C 186 2.26 31.42 -24.77
N CYS C 187 3.35 30.86 -25.29
CA CYS C 187 4.62 30.78 -24.60
C CYS C 187 5.66 31.58 -25.37
N LYS C 188 6.45 32.37 -24.64
CA LYS C 188 7.33 33.37 -25.21
C LYS C 188 8.69 33.34 -24.52
N ARG C 189 9.33 32.19 -24.49
CA ARG C 189 10.58 32.05 -23.77
C ARG C 189 11.66 31.44 -24.65
N ASP C 190 12.90 31.82 -24.35
CA ASP C 190 14.05 31.16 -24.95
C ASP C 190 14.17 29.74 -24.42
N PRO C 191 14.75 28.82 -25.20
CA PRO C 191 15.33 28.90 -26.54
C PRO C 191 14.32 28.63 -27.64
N CYS C 192 13.05 28.77 -27.34
CA CYS C 192 12.04 28.60 -28.37
C CYS C 192 12.02 29.83 -29.26
N PRO C 193 11.57 29.71 -30.52
CA PRO C 193 11.30 30.90 -31.32
C PRO C 193 10.12 31.67 -30.76
N HIS C 194 9.89 32.86 -31.35
CA HIS C 194 9.13 34.00 -30.84
C HIS C 194 7.89 33.69 -30.00
N GLN C 195 6.93 32.99 -30.55
CA GLN C 195 5.75 32.57 -29.81
C GLN C 195 5.42 31.14 -30.20
N VAL C 196 4.95 30.36 -29.23
CA VAL C 196 4.48 29.01 -29.50
C VAL C 196 3.18 28.79 -28.76
N ASP C 197 2.38 27.84 -29.25
CA ASP C 197 1.12 27.50 -28.62
C ASP C 197 1.22 26.15 -27.93
N CYS C 198 0.64 26.07 -26.74
CA CYS C 198 0.66 24.84 -25.96
C CYS C 198 -0.75 24.48 -25.55
N PHE C 199 -0.99 23.19 -25.41
CA PHE C 199 -2.30 22.67 -25.10
C PHE C 199 -2.20 21.84 -23.84
N LEU C 200 -3.07 22.10 -22.87
CA LEU C 200 -3.02 21.39 -21.61
C LEU C 200 -3.79 20.08 -21.71
N SER C 201 -4.06 19.48 -20.55
CA SER C 201 -4.86 18.27 -20.46
C SER C 201 -5.89 18.42 -19.36
N ARG C 202 -7.15 18.16 -19.70
CA ARG C 202 -8.32 18.28 -18.84
C ARG C 202 -8.41 19.62 -18.15
N PRO C 203 -8.72 20.70 -18.83
CA PRO C 203 -8.81 21.99 -18.13
C PRO C 203 -10.07 22.11 -17.30
N THR C 204 -11.16 21.49 -17.77
CA THR C 204 -12.47 21.69 -17.17
C THR C 204 -12.53 21.08 -15.78
N GLU C 205 -12.08 19.84 -15.65
CA GLU C 205 -12.10 19.14 -14.37
C GLU C 205 -11.21 19.84 -13.34
N LYS C 206 -10.07 20.35 -13.80
CA LYS C 206 -9.17 21.03 -12.89
C LYS C 206 -9.75 22.35 -12.42
N THR C 207 -10.45 23.07 -13.30
CA THR C 207 -11.09 24.31 -12.88
C THR C 207 -12.21 24.03 -11.89
N ILE C 208 -12.93 22.92 -12.09
CA ILE C 208 -13.98 22.52 -11.17
C ILE C 208 -13.42 22.27 -9.78
N PHE C 209 -12.32 21.53 -9.71
CA PHE C 209 -11.74 21.23 -8.40
C PHE C 209 -11.08 22.45 -7.78
N ILE C 210 -10.60 23.39 -8.59
CA ILE C 210 -10.07 24.64 -8.07
C ILE C 210 -11.18 25.45 -7.40
N ILE C 211 -12.34 25.55 -8.07
CA ILE C 211 -13.50 26.23 -7.50
C ILE C 211 -13.95 25.56 -6.22
N PHE C 212 -13.85 24.23 -6.19
CA PHE C 212 -14.30 23.47 -5.02
C PHE C 212 -13.42 23.73 -3.81
N MET C 213 -12.09 23.69 -4.00
CA MET C 213 -11.20 23.99 -2.89
C MET C 213 -11.31 25.44 -2.46
N LEU C 214 -11.61 26.34 -3.40
CA LEU C 214 -11.83 27.74 -3.06
C LEU C 214 -13.03 27.91 -2.14
N VAL C 215 -14.15 27.28 -2.47
CA VAL C 215 -15.35 27.50 -1.66
C VAL C 215 -15.22 26.78 -0.31
N VAL C 216 -14.44 25.70 -0.25
CA VAL C 216 -14.18 25.07 1.03
C VAL C 216 -13.35 25.98 1.93
N SER C 217 -12.32 26.62 1.36
CA SER C 217 -11.52 27.56 2.13
C SER C 217 -12.34 28.76 2.58
N LEU C 218 -13.27 29.20 1.74
CA LEU C 218 -14.10 30.35 2.09
C LEU C 218 -15.02 30.04 3.27
N VAL C 219 -15.68 28.89 3.23
CA VAL C 219 -16.57 28.58 4.34
C VAL C 219 -15.79 28.21 5.59
N SER C 220 -14.55 27.73 5.47
CA SER C 220 -13.73 27.51 6.66
C SER C 220 -13.37 28.83 7.33
N LEU C 221 -13.01 29.84 6.53
CA LEU C 221 -12.71 31.15 7.09
C LEU C 221 -13.93 31.78 7.74
N ALA C 222 -15.10 31.64 7.10
CA ALA C 222 -16.32 32.20 7.68
C ALA C 222 -16.71 31.51 8.97
N LEU C 223 -16.48 30.18 9.05
CA LEU C 223 -16.77 29.46 10.27
C LEU C 223 -15.85 29.88 11.40
N ASN C 224 -14.56 30.11 11.09
CA ASN C 224 -13.63 30.58 12.11
C ASN C 224 -14.01 31.97 12.62
N ILE C 225 -14.46 32.83 11.72
CA ILE C 225 -14.81 34.19 12.10
C ILE C 225 -16.05 34.19 13.00
N ILE C 226 -17.08 33.43 12.62
CA ILE C 226 -18.29 33.42 13.44
C ILE C 226 -18.04 32.69 14.75
N GLU C 227 -17.08 31.75 14.78
CA GLU C 227 -16.73 31.09 16.03
C GLU C 227 -16.06 32.05 16.99
N LEU C 228 -15.09 32.84 16.50
CA LEU C 228 -14.43 33.82 17.34
C LEU C 228 -15.40 34.90 17.80
N PHE C 229 -16.34 35.27 16.95
CA PHE C 229 -17.36 36.26 17.30
C PHE C 229 -18.25 35.74 18.43
N TYR C 230 -18.69 34.48 18.31
CA TYR C 230 -19.53 33.88 19.35
C TYR C 230 -18.77 33.73 20.66
N VAL C 231 -17.49 33.37 20.59
CA VAL C 231 -16.72 33.16 21.81
C VAL C 231 -16.45 34.49 22.50
N PHE C 232 -16.18 35.55 21.73
CA PHE C 232 -15.98 36.86 22.35
C PHE C 232 -17.28 37.42 22.90
N PHE C 233 -18.40 37.15 22.24
CA PHE C 233 -19.70 37.56 22.76
C PHE C 233 -20.04 36.85 24.05
N LYS C 234 -19.76 35.55 24.14
CA LYS C 234 -19.99 34.83 25.37
C LYS C 234 -18.99 35.22 26.45
N GLY C 235 -17.79 35.64 26.06
CA GLY C 235 -16.79 36.05 27.03
C GLY C 235 -17.06 37.43 27.60
N VAL C 236 -17.70 38.31 26.83
CA VAL C 236 -18.16 39.57 27.40
C VAL C 236 -19.54 39.45 28.03
N LYS C 237 -20.26 38.36 27.77
CA LYS C 237 -21.53 38.10 28.44
C LYS C 237 -21.32 37.37 29.77
N ASP C 238 -20.68 36.19 29.71
CA ASP C 238 -20.41 35.31 30.85
C ASP C 238 -21.65 34.95 31.66
N GLY D 2 -7.46 5.87 -3.19
CA GLY D 2 -7.36 6.58 -1.92
C GLY D 2 -7.88 5.77 -0.76
N ASP D 3 -7.48 6.16 0.45
CA ASP D 3 -7.90 5.45 1.66
C ASP D 3 -9.33 5.84 2.05
N TRP D 4 -10.12 4.84 2.42
CA TRP D 4 -11.51 5.07 2.82
C TRP D 4 -11.76 4.62 4.26
N SER D 5 -10.74 4.76 5.10
CA SER D 5 -10.85 4.36 6.50
C SER D 5 -10.91 5.59 7.40
N ALA D 6 -11.52 6.66 6.92
CA ALA D 6 -11.71 7.85 7.74
C ALA D 6 -13.13 7.70 8.30
N LEU D 7 -14.11 7.76 7.40
CA LEU D 7 -15.52 7.64 7.77
C LEU D 7 -15.90 6.39 8.57
N GLY D 8 -15.25 5.26 8.31
CA GLY D 8 -15.57 4.03 9.00
C GLY D 8 -15.55 4.15 10.51
N LYS D 9 -14.62 4.93 11.06
CA LYS D 9 -14.54 5.08 12.51
C LYS D 9 -15.60 6.06 12.99
N LEU D 10 -16.51 6.40 12.08
CA LEU D 10 -17.57 7.37 12.30
C LEU D 10 -18.93 6.78 11.93
N LEU D 11 -19.01 6.07 10.81
CA LEU D 11 -20.25 5.39 10.46
C LEU D 11 -20.44 4.11 11.27
N ASP D 12 -19.37 3.58 11.88
CA ASP D 12 -19.54 2.46 12.79
C ASP D 12 -20.24 2.89 14.07
N LYS D 13 -19.86 4.07 14.58
CA LYS D 13 -20.45 4.55 15.83
C LYS D 13 -21.93 4.87 15.67
N VAL D 14 -22.36 5.28 14.48
CA VAL D 14 -23.79 5.46 14.24
C VAL D 14 -24.50 4.14 14.03
N GLN D 15 -23.76 3.06 13.79
CA GLN D 15 -24.35 1.74 13.72
C GLN D 15 -24.40 1.08 15.09
N ALA D 16 -24.90 1.83 16.04
CA ALA D 16 -25.23 1.35 17.38
C ALA D 16 -26.63 1.77 17.80
N TYR D 17 -27.07 2.96 17.39
CA TYR D 17 -28.32 3.54 17.86
C TYR D 17 -29.08 4.20 16.71
N SER D 18 -29.24 3.47 15.61
CA SER D 18 -30.16 3.87 14.55
C SER D 18 -31.20 2.78 14.34
N THR D 19 -32.24 3.13 13.58
CA THR D 19 -33.29 2.16 13.28
C THR D 19 -32.81 1.16 12.25
N ALA D 20 -33.64 0.12 12.03
CA ALA D 20 -33.25 -1.01 11.20
C ALA D 20 -33.14 -0.61 9.73
N GLY D 21 -34.00 0.29 9.28
CA GLY D 21 -33.86 0.82 7.93
C GLY D 21 -32.60 1.63 7.77
N GLY D 22 -32.23 2.38 8.81
CA GLY D 22 -30.96 3.08 8.79
C GLY D 22 -29.78 2.13 8.78
N LYS D 23 -29.92 0.99 9.47
CA LYS D 23 -28.84 0.00 9.49
C LYS D 23 -28.69 -0.67 8.12
N VAL D 24 -29.80 -1.02 7.47
CA VAL D 24 -29.67 -1.67 6.17
C VAL D 24 -29.25 -0.66 5.10
N TRP D 25 -29.60 0.62 5.25
CA TRP D 25 -29.12 1.61 4.31
C TRP D 25 -27.63 1.87 4.49
N LEU D 26 -27.17 1.89 5.74
CA LEU D 26 -25.74 1.97 6.00
C LEU D 26 -25.01 0.76 5.44
N SER D 27 -25.63 -0.41 5.53
CA SER D 27 -25.00 -1.63 5.03
C SER D 27 -24.89 -1.61 3.51
N VAL D 28 -25.93 -1.14 2.80
CA VAL D 28 -25.84 -1.14 1.35
C VAL D 28 -24.91 -0.03 0.86
N LEU D 29 -24.88 1.11 1.57
CA LEU D 29 -23.93 2.17 1.23
C LEU D 29 -22.51 1.71 1.49
N PHE D 30 -22.32 0.87 2.49
CA PHE D 30 -21.01 0.33 2.80
C PHE D 30 -20.57 -0.67 1.74
N ILE D 31 -21.40 -1.69 1.50
CA ILE D 31 -20.90 -2.84 0.77
C ILE D 31 -21.03 -2.66 -0.74
N PHE D 32 -21.92 -1.81 -1.21
CA PHE D 32 -22.17 -1.77 -2.64
C PHE D 32 -21.61 -0.53 -3.33
N ARG D 33 -21.14 0.46 -2.59
CA ARG D 33 -20.57 1.65 -3.20
C ARG D 33 -19.09 1.77 -2.91
N ILE D 34 -18.71 1.85 -1.63
CA ILE D 34 -17.32 2.10 -1.28
C ILE D 34 -16.47 0.87 -1.59
N LEU D 35 -17.08 -0.30 -1.46
CA LEU D 35 -16.36 -1.53 -1.81
C LEU D 35 -16.22 -1.68 -3.31
N LEU D 36 -17.28 -1.34 -4.05
CA LEU D 36 -17.23 -1.47 -5.49
C LEU D 36 -16.30 -0.45 -6.11
N LEU D 37 -16.15 0.70 -5.48
CA LEU D 37 -15.35 1.76 -6.09
C LEU D 37 -13.88 1.50 -5.98
N GLY D 38 -13.45 0.77 -4.96
CA GLY D 38 -12.03 0.55 -4.80
C GLY D 38 -11.57 -0.66 -5.58
N THR D 39 -12.48 -1.59 -5.81
CA THR D 39 -12.09 -2.92 -6.28
C THR D 39 -11.87 -2.97 -7.78
N ALA D 40 -12.92 -2.77 -8.55
CA ALA D 40 -12.88 -3.03 -9.98
C ALA D 40 -13.15 -1.81 -10.84
N VAL D 41 -14.10 -0.96 -10.45
CA VAL D 41 -14.50 0.13 -11.32
C VAL D 41 -13.48 1.25 -11.33
N GLU D 42 -12.50 1.15 -10.42
CA GLU D 42 -11.41 2.10 -10.35
C GLU D 42 -10.33 1.66 -11.34
N SER D 43 -10.28 0.35 -11.61
CA SER D 43 -9.31 -0.18 -12.55
C SER D 43 -9.70 0.11 -13.98
N ALA D 44 -11.01 0.11 -14.27
CA ALA D 44 -11.48 0.24 -15.64
C ALA D 44 -11.24 1.63 -16.20
N TRP D 45 -11.20 2.64 -15.33
CA TRP D 45 -10.89 4.00 -15.76
C TRP D 45 -9.41 4.29 -15.73
N GLY D 46 -8.58 3.26 -15.82
CA GLY D 46 -7.14 3.45 -15.73
C GLY D 46 -6.58 4.14 -16.95
N ASP D 47 -6.63 3.46 -18.09
CA ASP D 47 -6.10 4.02 -19.34
C ASP D 47 -7.16 4.88 -20.02
N GLU D 48 -7.54 5.93 -19.30
CA GLU D 48 -8.55 6.88 -19.70
C GLU D 48 -8.18 7.71 -20.92
N GLN D 49 -7.09 8.46 -20.79
CA GLN D 49 -6.67 9.37 -21.84
C GLN D 49 -5.63 8.77 -22.77
N SER D 50 -4.95 7.71 -22.34
CA SER D 50 -3.91 7.14 -23.17
C SER D 50 -4.51 6.39 -24.36
N ALA D 51 -5.55 5.61 -24.13
CA ALA D 51 -6.13 4.83 -25.21
C ALA D 51 -7.06 5.64 -26.09
N PHE D 52 -7.42 6.84 -25.67
CA PHE D 52 -8.29 7.69 -26.47
C PHE D 52 -7.57 8.14 -27.72
N ARG D 53 -8.29 8.16 -28.85
CA ARG D 53 -7.64 8.42 -30.12
C ARG D 53 -8.63 8.94 -31.13
N CYS D 54 -8.26 10.01 -31.83
CA CYS D 54 -9.03 10.51 -32.95
C CYS D 54 -8.18 10.44 -34.20
N ASN D 55 -8.86 10.48 -35.34
CA ASN D 55 -8.23 10.25 -36.64
C ASN D 55 -7.89 11.59 -37.27
N THR D 56 -6.65 12.04 -37.04
CA THR D 56 -6.14 13.23 -37.69
C THR D 56 -4.62 13.14 -37.77
N GLN D 57 -4.02 14.20 -38.27
CA GLN D 57 -2.59 14.35 -38.26
C GLN D 57 -2.17 15.64 -37.57
N GLN D 58 -3.11 16.50 -37.24
CA GLN D 58 -2.87 17.77 -36.57
C GLN D 58 -2.47 17.54 -35.12
N PRO D 59 -1.45 18.23 -34.62
CA PRO D 59 -1.05 18.04 -33.23
C PRO D 59 -2.02 18.71 -32.27
N GLY D 60 -2.25 18.06 -31.15
CA GLY D 60 -2.97 18.65 -30.04
C GLY D 60 -4.47 18.65 -30.13
N CYS D 61 -5.05 18.15 -31.23
CA CYS D 61 -6.51 18.15 -31.33
C CYS D 61 -7.13 17.15 -30.38
N GLU D 62 -6.37 16.09 -30.04
CA GLU D 62 -6.90 15.00 -29.23
C GLU D 62 -7.25 15.47 -27.83
N ASN D 63 -6.46 16.39 -27.26
CA ASN D 63 -6.74 16.88 -25.93
C ASN D 63 -8.00 17.71 -25.90
N VAL D 64 -8.21 18.52 -26.93
CA VAL D 64 -9.39 19.37 -26.98
C VAL D 64 -10.64 18.53 -27.18
N CYS D 65 -10.56 17.51 -28.03
CA CYS D 65 -11.74 16.68 -28.25
C CYS D 65 -12.04 15.81 -27.04
N TYR D 66 -11.00 15.32 -26.37
CA TYR D 66 -11.21 14.56 -25.14
C TYR D 66 -11.78 15.44 -24.04
N ASP D 67 -11.40 16.72 -24.02
CA ASP D 67 -11.98 17.64 -23.05
C ASP D 67 -13.45 17.88 -23.33
N LYS D 68 -13.79 18.12 -24.60
CA LYS D 68 -15.17 18.43 -24.93
C LYS D 68 -16.07 17.22 -24.77
N SER D 69 -15.53 16.02 -24.94
CA SER D 69 -16.35 14.84 -24.70
C SER D 69 -16.61 14.63 -23.22
N PHE D 70 -15.58 14.79 -22.40
CA PHE D 70 -15.67 14.49 -20.96
C PHE D 70 -15.44 15.73 -20.13
N PRO D 71 -16.49 16.34 -19.58
CA PRO D 71 -16.26 17.38 -18.57
C PRO D 71 -15.60 16.82 -17.33
N ILE D 72 -16.10 15.70 -16.80
CA ILE D 72 -15.47 14.99 -15.70
C ILE D 72 -15.53 13.51 -15.99
N SER D 73 -14.60 12.78 -15.40
CA SER D 73 -14.74 11.34 -15.37
C SER D 73 -15.87 10.98 -14.42
N HIS D 74 -16.43 9.78 -14.62
CA HIS D 74 -17.59 9.40 -13.84
C HIS D 74 -17.23 9.03 -12.41
N VAL D 75 -15.99 8.60 -12.19
CA VAL D 75 -15.59 8.13 -10.86
C VAL D 75 -15.55 9.28 -9.88
N ARG D 76 -15.02 10.43 -10.30
CA ARG D 76 -14.96 11.56 -9.40
C ARG D 76 -16.35 12.15 -9.17
N PHE D 77 -17.23 11.99 -10.16
CA PHE D 77 -18.61 12.38 -9.97
C PHE D 77 -19.29 11.51 -8.92
N TRP D 78 -19.05 10.20 -8.95
CA TRP D 78 -19.60 9.33 -7.93
C TRP D 78 -18.99 9.58 -6.57
N VAL D 79 -17.73 9.98 -6.52
CA VAL D 79 -17.10 10.28 -5.24
C VAL D 79 -17.72 11.54 -4.63
N LEU D 80 -17.97 12.57 -5.44
CA LEU D 80 -18.66 13.74 -4.92
C LEU D 80 -20.08 13.43 -4.51
N GLN D 81 -20.73 12.51 -5.22
CA GLN D 81 -22.07 12.08 -4.84
C GLN D 81 -22.05 11.35 -3.50
N ILE D 82 -21.07 10.48 -3.30
CA ILE D 82 -21.02 9.72 -2.05
C ILE D 82 -20.53 10.59 -0.91
N ILE D 83 -19.92 11.73 -1.18
CA ILE D 83 -19.63 12.67 -0.11
C ILE D 83 -20.89 13.45 0.27
N PHE D 84 -21.64 13.90 -0.73
CA PHE D 84 -22.78 14.74 -0.45
C PHE D 84 -23.97 13.97 0.09
N VAL D 85 -24.04 12.65 -0.14
CA VAL D 85 -25.08 11.87 0.51
C VAL D 85 -24.66 11.38 1.89
N SER D 86 -23.42 11.65 2.29
CA SER D 86 -22.94 11.17 3.58
C SER D 86 -22.67 12.29 4.57
N VAL D 87 -22.55 13.53 4.11
CA VAL D 87 -22.58 14.66 5.05
C VAL D 87 -23.86 14.74 5.86
N PRO D 88 -25.11 14.76 5.25
CA PRO D 88 -26.23 15.24 6.06
C PRO D 88 -26.83 14.19 6.99
N THR D 89 -26.11 13.09 7.22
CA THR D 89 -26.46 12.15 8.26
C THR D 89 -25.51 12.23 9.44
N LEU D 90 -24.39 12.95 9.31
CA LEU D 90 -23.44 13.03 10.40
C LEU D 90 -23.98 13.92 11.51
N LEU D 91 -24.67 15.00 11.16
CA LEU D 91 -25.15 15.93 12.17
C LEU D 91 -26.25 15.32 13.04
N TYR D 92 -26.93 14.29 12.54
CA TYR D 92 -27.86 13.55 13.38
C TYR D 92 -27.12 12.83 14.50
N LEU D 93 -26.00 12.17 14.15
CA LEU D 93 -25.16 11.55 15.16
C LEU D 93 -24.57 12.58 16.11
N ALA D 94 -24.20 13.75 15.57
CA ALA D 94 -23.65 14.81 16.41
C ALA D 94 -24.69 15.33 17.40
N HIS D 95 -25.93 15.47 16.95
CA HIS D 95 -26.99 15.94 17.82
C HIS D 95 -27.32 14.93 18.89
N VAL D 96 -27.40 13.64 18.53
CA VAL D 96 -27.73 12.65 19.55
C VAL D 96 -26.57 12.45 20.51
N PHE D 97 -25.33 12.64 20.03
CA PHE D 97 -24.18 12.53 20.90
C PHE D 97 -24.14 13.70 21.88
N TYR D 98 -24.48 14.90 21.40
CA TYR D 98 -24.51 16.08 22.24
C TYR D 98 -25.59 15.98 23.29
N VAL D 99 -26.79 15.52 22.91
CA VAL D 99 -27.84 15.41 23.92
C VAL D 99 -27.63 14.22 24.84
N MET D 100 -26.90 13.18 24.41
CA MET D 100 -26.56 12.11 25.32
C MET D 100 -25.53 12.57 26.33
N ARG D 101 -24.59 13.39 25.88
CA ARG D 101 -23.62 14.01 26.79
C ARG D 101 -24.32 14.93 27.78
N LYS D 102 -25.32 15.69 27.31
CA LYS D 102 -26.06 16.58 28.20
C LYS D 102 -26.90 15.80 29.19
N GLU D 103 -27.44 14.66 28.77
CA GLU D 103 -28.17 13.78 29.67
C GLU D 103 -27.24 13.22 30.75
N GLU D 104 -26.07 12.74 30.35
CA GLU D 104 -25.13 12.19 31.31
C GLU D 104 -24.51 13.24 32.20
N LYS D 105 -24.53 14.50 31.77
CA LYS D 105 -24.12 15.59 32.66
C LYS D 105 -25.22 15.93 33.65
N LEU D 106 -26.46 15.95 33.19
CA LEU D 106 -27.53 16.52 34.00
C LEU D 106 -28.08 15.53 35.02
N ASN D 107 -28.06 14.24 34.72
CA ASN D 107 -28.74 13.26 35.56
C ASN D 107 -28.02 13.03 36.88
N LYS D 108 -26.70 13.24 36.91
CA LYS D 108 -25.88 12.92 38.06
C LYS D 108 -25.74 14.07 39.04
N LYS D 109 -26.69 15.00 39.07
CA LYS D 109 -26.68 16.11 39.99
C LYS D 109 -27.49 15.83 41.25
N GLU D 110 -27.54 14.57 41.69
CA GLU D 110 -28.36 14.19 42.83
C GLU D 110 -27.50 13.69 43.99
N LYS D 144 -30.96 3.59 26.76
CA LYS D 144 -31.79 3.20 25.63
C LYS D 144 -31.81 4.34 24.61
N VAL D 145 -32.73 4.26 23.65
CA VAL D 145 -32.91 5.31 22.65
C VAL D 145 -34.41 5.45 22.38
N LYS D 146 -34.91 6.68 22.44
CA LYS D 146 -36.31 6.95 22.17
C LYS D 146 -36.42 8.32 21.52
N MET D 147 -36.85 8.33 20.26
CA MET D 147 -36.92 9.57 19.50
C MET D 147 -38.11 10.39 19.96
N ARG D 148 -37.84 11.51 20.62
CA ARG D 148 -38.87 12.40 21.12
C ARG D 148 -38.39 13.84 21.03
N GLY D 149 -39.34 14.75 20.90
CA GLY D 149 -39.07 16.18 20.98
C GLY D 149 -38.56 16.81 19.70
N GLY D 150 -37.28 16.62 19.40
CA GLY D 150 -36.70 17.29 18.26
C GLY D 150 -35.94 16.36 17.35
N LEU D 151 -35.72 15.13 17.84
CA LEU D 151 -35.01 14.13 17.04
C LEU D 151 -35.81 13.71 15.83
N LEU D 152 -37.14 13.75 15.94
CA LEU D 152 -38.01 13.55 14.79
C LEU D 152 -37.74 14.58 13.71
N ARG D 153 -37.56 15.84 14.12
CA ARG D 153 -37.35 16.93 13.18
C ARG D 153 -36.02 16.79 12.46
N THR D 154 -34.96 16.53 13.22
CA THR D 154 -33.64 16.31 12.65
C THR D 154 -33.64 15.09 11.72
N TYR D 155 -34.35 14.05 12.11
CA TYR D 155 -34.40 12.83 11.33
C TYR D 155 -35.09 13.07 9.98
N ILE D 156 -36.22 13.76 10.00
CA ILE D 156 -36.95 13.94 8.75
C ILE D 156 -36.24 14.93 7.85
N ILE D 157 -35.55 15.94 8.41
CA ILE D 157 -34.87 16.85 7.51
C ILE D 157 -33.59 16.21 6.96
N SER D 158 -32.99 15.27 7.72
CA SER D 158 -31.84 14.55 7.20
C SER D 158 -32.25 13.65 6.04
N ILE D 159 -33.36 12.92 6.19
CA ILE D 159 -33.81 12.05 5.12
C ILE D 159 -34.26 12.86 3.91
N LEU D 160 -34.86 14.03 4.17
CA LEU D 160 -35.27 14.90 3.06
C LEU D 160 -34.08 15.44 2.30
N PHE D 161 -33.01 15.83 3.01
CA PHE D 161 -31.83 16.33 2.34
C PHE D 161 -31.14 15.24 1.54
N LYS D 162 -31.11 14.01 2.10
CA LYS D 162 -30.53 12.89 1.37
C LYS D 162 -31.30 12.59 0.10
N SER D 163 -32.63 12.64 0.16
CA SER D 163 -33.46 12.38 -1.01
C SER D 163 -33.27 13.44 -2.08
N ILE D 164 -33.24 14.72 -1.68
CA ILE D 164 -33.16 15.76 -2.68
C ILE D 164 -31.77 15.83 -3.29
N PHE D 165 -30.73 15.50 -2.52
CA PHE D 165 -29.38 15.42 -3.10
C PHE D 165 -29.27 14.26 -4.07
N GLU D 166 -29.93 13.15 -3.75
CA GLU D 166 -29.92 11.99 -4.63
C GLU D 166 -30.58 12.29 -5.96
N VAL D 167 -31.76 12.90 -5.92
CA VAL D 167 -32.46 13.17 -7.17
C VAL D 167 -31.77 14.31 -7.93
N ALA D 168 -31.06 15.21 -7.23
CA ALA D 168 -30.34 16.26 -7.92
C ALA D 168 -29.14 15.70 -8.69
N PHE D 169 -28.38 14.81 -8.05
CA PHE D 169 -27.23 14.21 -8.72
C PHE D 169 -27.66 13.35 -9.89
N LEU D 170 -28.75 12.60 -9.72
CA LEU D 170 -29.21 11.75 -10.81
C LEU D 170 -29.74 12.58 -11.97
N LEU D 171 -30.40 13.70 -11.67
CA LEU D 171 -30.88 14.59 -12.71
C LEU D 171 -29.74 15.21 -13.48
N ILE D 172 -28.66 15.61 -12.78
CA ILE D 172 -27.53 16.22 -13.46
C ILE D 172 -26.82 15.20 -14.34
N GLN D 173 -26.69 13.96 -13.86
CA GLN D 173 -26.06 12.91 -14.66
C GLN D 173 -26.87 12.59 -15.91
N TRP D 174 -28.21 12.61 -15.80
CA TRP D 174 -29.01 12.41 -16.99
C TRP D 174 -28.93 13.61 -17.92
N TYR D 175 -28.76 14.80 -17.37
CA TYR D 175 -28.73 15.98 -18.22
C TYR D 175 -27.45 16.06 -19.02
N ILE D 176 -26.33 15.67 -18.44
CA ILE D 176 -25.06 15.81 -19.15
C ILE D 176 -24.77 14.59 -20.02
N TYR D 177 -24.75 13.40 -19.44
CA TYR D 177 -24.19 12.26 -20.13
C TYR D 177 -25.22 11.35 -20.77
N GLY D 178 -26.42 11.29 -20.24
CA GLY D 178 -27.27 10.19 -20.68
C GLY D 178 -26.80 8.91 -20.02
N PHE D 179 -27.28 7.78 -20.54
CA PHE D 179 -26.96 6.49 -19.95
C PHE D 179 -26.53 5.51 -21.01
N SER D 180 -25.79 5.99 -22.01
CA SER D 180 -25.22 5.14 -23.03
C SER D 180 -24.05 5.88 -23.63
N LEU D 181 -23.06 5.12 -24.10
CA LEU D 181 -21.87 5.68 -24.72
C LEU D 181 -21.69 5.06 -26.10
N SER D 182 -21.68 5.90 -27.12
CA SER D 182 -21.40 5.42 -28.46
C SER D 182 -19.90 5.24 -28.62
N ALA D 183 -19.53 4.32 -29.50
CA ALA D 183 -18.12 4.08 -29.73
C ALA D 183 -17.48 5.19 -30.53
N VAL D 184 -18.24 5.85 -31.39
CA VAL D 184 -17.73 6.87 -32.28
C VAL D 184 -18.30 8.21 -31.84
N TYR D 185 -17.44 9.21 -31.74
CA TYR D 185 -17.88 10.55 -31.38
C TYR D 185 -17.45 11.53 -32.46
N THR D 186 -18.30 12.52 -32.71
CA THR D 186 -18.00 13.58 -33.67
C THR D 186 -17.64 14.85 -32.90
N CYS D 187 -16.48 15.40 -33.19
CA CYS D 187 -15.92 16.53 -32.47
C CYS D 187 -15.81 17.72 -33.42
N LYS D 188 -16.22 18.89 -32.92
CA LYS D 188 -16.42 20.08 -33.75
C LYS D 188 -15.85 21.32 -33.05
N ARG D 189 -14.59 21.27 -32.65
CA ARG D 189 -14.01 22.36 -31.87
C ARG D 189 -12.72 22.84 -32.50
N ASP D 190 -12.44 24.12 -32.30
CA ASP D 190 -11.15 24.68 -32.65
C ASP D 190 -10.08 24.12 -31.71
N PRO D 191 -8.82 24.03 -32.16
CA PRO D 191 -8.23 24.39 -33.46
C PRO D 191 -8.25 23.26 -34.45
N CYS D 192 -9.11 22.28 -34.24
CA CYS D 192 -9.24 21.20 -35.20
C CYS D 192 -10.00 21.70 -36.42
N PRO D 193 -9.80 21.09 -37.59
CA PRO D 193 -10.69 21.36 -38.72
C PRO D 193 -12.10 20.83 -38.47
N HIS D 194 -13.01 21.17 -39.37
CA HIS D 194 -14.47 21.17 -39.25
C HIS D 194 -15.10 20.08 -38.39
N GLN D 195 -14.90 18.82 -38.75
CA GLN D 195 -15.38 17.71 -37.94
C GLN D 195 -14.31 16.64 -37.89
N VAL D 196 -14.17 15.98 -36.75
CA VAL D 196 -13.26 14.85 -36.63
C VAL D 196 -13.98 13.73 -35.90
N ASP D 197 -13.51 12.50 -36.10
CA ASP D 197 -14.07 11.34 -35.44
C ASP D 197 -13.11 10.83 -34.38
N CYS D 198 -13.66 10.45 -33.23
CA CYS D 198 -12.87 9.95 -32.13
C CYS D 198 -13.44 8.63 -31.67
N PHE D 199 -12.57 7.77 -31.16
CA PHE D 199 -12.93 6.43 -30.74
C PHE D 199 -12.54 6.26 -29.29
N LEU D 200 -13.47 5.78 -28.47
CA LEU D 200 -13.20 5.64 -27.06
C LEU D 200 -12.53 4.30 -26.78
N SER D 201 -12.50 3.92 -25.51
CA SER D 201 -11.97 2.63 -25.09
C SER D 201 -12.93 1.99 -24.11
N ARG D 202 -13.29 0.74 -24.39
CA ARG D 202 -14.24 -0.09 -23.64
C ARG D 202 -15.56 0.62 -23.38
N PRO D 203 -16.41 0.81 -24.36
CA PRO D 203 -17.68 1.49 -24.08
C PRO D 203 -18.67 0.60 -23.36
N THR D 204 -18.62 -0.70 -23.66
CA THR D 204 -19.63 -1.63 -23.18
C THR D 204 -19.55 -1.81 -21.67
N GLU D 205 -18.34 -2.04 -21.17
CA GLU D 205 -18.13 -2.24 -19.74
C GLU D 205 -18.49 -1.00 -18.94
N LYS D 206 -18.18 0.17 -19.49
CA LYS D 206 -18.49 1.41 -18.80
C LYS D 206 -20.00 1.65 -18.76
N THR D 207 -20.70 1.31 -19.84
CA THR D 207 -22.16 1.45 -19.82
C THR D 207 -22.79 0.49 -18.83
N ILE D 208 -22.22 -0.71 -18.71
CA ILE D 208 -22.70 -1.68 -17.74
C ILE D 208 -22.57 -1.15 -16.33
N PHE D 209 -21.41 -0.59 -16.01
CA PHE D 209 -21.22 -0.07 -14.66
C PHE D 209 -22.03 1.19 -14.41
N ILE D 210 -22.30 1.97 -15.45
CA ILE D 210 -23.17 3.13 -15.30
C ILE D 210 -24.59 2.70 -14.94
N ILE D 211 -25.09 1.68 -15.64
CA ILE D 211 -26.40 1.12 -15.33
C ILE D 211 -26.45 0.56 -13.91
N PHE D 212 -25.34 -0.03 -13.48
CA PHE D 212 -25.27 -0.64 -12.16
C PHE D 212 -25.34 0.40 -11.06
N MET D 213 -24.55 1.47 -11.19
CA MET D 213 -24.61 2.54 -10.20
C MET D 213 -25.96 3.24 -10.22
N LEU D 214 -26.59 3.32 -11.39
CA LEU D 214 -27.93 3.90 -11.49
C LEU D 214 -28.94 3.10 -10.70
N VAL D 215 -28.94 1.78 -10.86
CA VAL D 215 -29.96 0.98 -10.18
C VAL D 215 -29.69 0.89 -8.68
N VAL D 216 -28.41 1.01 -8.28
CA VAL D 216 -28.11 1.08 -6.85
C VAL D 216 -28.64 2.37 -6.24
N SER D 217 -28.46 3.50 -6.95
CA SER D 217 -29.00 4.76 -6.47
C SER D 217 -30.51 4.75 -6.41
N LEU D 218 -31.15 4.07 -7.38
CA LEU D 218 -32.61 4.01 -7.42
C LEU D 218 -33.15 3.22 -6.23
N VAL D 219 -32.56 2.05 -5.94
CA VAL D 219 -33.08 1.30 -4.82
C VAL D 219 -32.71 1.94 -3.49
N SER D 220 -31.64 2.73 -3.43
CA SER D 220 -31.35 3.47 -2.20
C SER D 220 -32.39 4.54 -1.95
N LEU D 221 -32.80 5.26 -2.99
CA LEU D 221 -33.85 6.26 -2.85
C LEU D 221 -35.17 5.63 -2.43
N ALA D 222 -35.52 4.49 -3.04
CA ALA D 222 -36.76 3.81 -2.70
C ALA D 222 -36.75 3.30 -1.26
N LEU D 223 -35.59 2.82 -0.80
CA LEU D 223 -35.48 2.37 0.58
C LEU D 223 -35.64 3.53 1.56
N ASN D 224 -35.05 4.69 1.23
CA ASN D 224 -35.22 5.86 2.10
C ASN D 224 -36.66 6.31 2.16
N ILE D 225 -37.36 6.26 1.02
CA ILE D 225 -38.75 6.70 0.97
C ILE D 225 -39.64 5.78 1.80
N ILE D 226 -39.47 4.46 1.63
CA ILE D 226 -40.32 3.54 2.38
C ILE D 226 -39.95 3.54 3.86
N GLU D 227 -38.70 3.89 4.20
CA GLU D 227 -38.31 4.02 5.60
C GLU D 227 -38.98 5.21 6.25
N LEU D 228 -38.97 6.35 5.57
CA LEU D 228 -39.64 7.54 6.10
C LEU D 228 -41.15 7.33 6.20
N PHE D 229 -41.72 6.61 5.23
CA PHE D 229 -43.14 6.31 5.26
C PHE D 229 -43.50 5.43 6.45
N TYR D 230 -42.69 4.40 6.71
CA TYR D 230 -42.92 3.52 7.85
C TYR D 230 -42.75 4.26 9.17
N VAL D 231 -41.77 5.15 9.24
CA VAL D 231 -41.52 5.86 10.49
C VAL D 231 -42.63 6.85 10.77
N PHE D 232 -43.12 7.54 9.73
CA PHE D 232 -44.25 8.45 9.94
C PHE D 232 -45.54 7.71 10.26
N PHE D 233 -45.73 6.53 9.68
CA PHE D 233 -46.90 5.72 10.01
C PHE D 233 -46.84 5.23 11.45
N LYS D 234 -45.66 4.82 11.92
CA LYS D 234 -45.55 4.41 13.31
C LYS D 234 -45.61 5.60 14.25
N GLY D 235 -45.21 6.79 13.79
CA GLY D 235 -45.28 7.97 14.61
C GLY D 235 -46.67 8.53 14.75
N VAL D 236 -47.52 8.33 13.73
CA VAL D 236 -48.93 8.67 13.88
C VAL D 236 -49.73 7.53 14.48
N LYS D 237 -49.17 6.32 14.54
CA LYS D 237 -49.81 5.20 15.23
C LYS D 237 -49.46 5.17 16.72
N ASP D 238 -48.16 5.11 17.02
CA ASP D 238 -47.60 5.04 18.38
C ASP D 238 -48.19 3.91 19.22
N GLY E 2 -7.68 -3.68 -4.94
CA GLY E 2 -8.52 -3.06 -3.93
C GLY E 2 -8.44 -3.77 -2.59
N ASP E 3 -8.87 -3.07 -1.54
CA ASP E 3 -8.85 -3.63 -0.19
C ASP E 3 -10.01 -4.59 0.02
N TRP E 4 -9.72 -5.73 0.66
CA TRP E 4 -10.74 -6.74 0.92
C TRP E 4 -10.89 -6.99 2.42
N SER E 5 -10.68 -5.94 3.21
CA SER E 5 -10.79 -6.06 4.66
C SER E 5 -12.05 -5.36 5.18
N ALA E 6 -13.10 -5.38 4.38
CA ALA E 6 -14.37 -4.83 4.81
C ALA E 6 -15.15 -6.04 5.35
N LEU E 7 -15.49 -6.94 4.45
CA LEU E 7 -16.24 -8.15 4.80
C LEU E 7 -15.64 -9.02 5.92
N GLY E 8 -14.32 -9.08 6.01
CA GLY E 8 -13.67 -9.90 7.02
C GLY E 8 -14.15 -9.62 8.44
N LYS E 9 -14.44 -8.36 8.75
CA LYS E 9 -14.89 -8.03 10.10
C LYS E 9 -16.37 -8.36 10.25
N LEU E 10 -16.89 -9.07 9.25
CA LEU E 10 -18.29 -9.44 9.15
C LEU E 10 -18.44 -10.94 8.93
N LEU E 11 -17.62 -11.52 8.06
CA LEU E 11 -17.62 -12.97 7.89
C LEU E 11 -16.91 -13.68 9.02
N ASP E 12 -16.08 -12.97 9.79
CA ASP E 12 -15.50 -13.58 10.99
C ASP E 12 -16.55 -13.77 12.07
N LYS E 13 -17.44 -12.79 12.22
CA LYS E 13 -18.47 -12.86 13.26
C LYS E 13 -19.47 -13.98 12.98
N VAL E 14 -19.72 -14.28 11.70
CA VAL E 14 -20.57 -15.44 11.38
C VAL E 14 -19.82 -16.75 11.54
N GLN E 15 -18.50 -16.71 11.65
CA GLN E 15 -17.71 -17.90 11.94
C GLN E 15 -17.57 -18.10 13.45
N ALA E 16 -18.69 -18.01 14.13
CA ALA E 16 -18.82 -18.37 15.53
C ALA E 16 -20.02 -19.27 15.78
N TYR E 17 -21.11 -19.09 15.02
CA TYR E 17 -22.36 -19.80 15.26
C TYR E 17 -22.99 -20.25 13.96
N SER E 18 -22.20 -20.90 13.11
CA SER E 18 -22.74 -21.61 11.95
C SER E 18 -22.36 -23.08 12.04
N THR E 19 -22.99 -23.88 11.19
CA THR E 19 -22.70 -25.31 11.14
C THR E 19 -21.35 -25.56 10.46
N ALA E 20 -20.91 -26.82 10.54
CA ALA E 20 -19.57 -27.18 10.07
C ALA E 20 -19.45 -27.07 8.56
N GLY E 21 -20.52 -27.40 7.84
CA GLY E 21 -20.52 -27.19 6.40
C GLY E 21 -20.46 -25.72 6.04
N GLY E 22 -21.15 -24.88 6.83
CA GLY E 22 -21.02 -23.45 6.65
C GLY E 22 -19.62 -22.95 6.95
N LYS E 23 -18.96 -23.55 7.94
CA LYS E 23 -17.60 -23.16 8.28
C LYS E 23 -16.62 -23.54 7.17
N VAL E 24 -16.77 -24.75 6.60
CA VAL E 24 -15.83 -25.14 5.56
C VAL E 24 -16.13 -24.41 4.25
N TRP E 25 -17.40 -24.03 4.02
CA TRP E 25 -17.70 -23.23 2.84
C TRP E 25 -17.15 -21.82 2.98
N LEU E 26 -17.26 -21.25 4.19
CA LEU E 26 -16.64 -19.96 4.45
C LEU E 26 -15.13 -20.04 4.29
N SER E 27 -14.54 -21.16 4.69
CA SER E 27 -13.09 -21.32 4.58
C SER E 27 -12.64 -21.42 3.13
N VAL E 28 -13.39 -22.15 2.30
CA VAL E 28 -12.97 -22.26 0.90
C VAL E 28 -13.24 -20.96 0.15
N LEU E 29 -14.33 -20.26 0.49
CA LEU E 29 -14.59 -18.95 -0.10
C LEU E 29 -13.53 -17.95 0.30
N PHE E 30 -13.02 -18.10 1.51
CA PHE E 30 -11.96 -17.23 2.00
C PHE E 30 -10.65 -17.52 1.29
N ILE E 31 -10.21 -18.76 1.33
CA ILE E 31 -8.82 -19.03 0.99
C ILE E 31 -8.64 -19.25 -0.52
N PHE E 32 -9.69 -19.62 -1.25
CA PHE E 32 -9.47 -19.99 -2.63
C PHE E 32 -9.99 -18.97 -3.63
N ARG E 33 -10.74 -17.97 -3.18
CA ARG E 33 -11.22 -16.97 -4.10
C ARG E 33 -10.62 -15.59 -3.82
N ILE E 34 -10.81 -15.07 -2.61
CA ILE E 34 -10.36 -13.72 -2.30
C ILE E 34 -8.85 -13.68 -2.22
N LEU E 35 -8.25 -14.77 -1.77
CA LEU E 35 -6.80 -14.84 -1.73
C LEU E 35 -6.22 -15.01 -3.12
N LEU E 36 -6.86 -15.82 -3.95
CA LEU E 36 -6.35 -16.03 -5.29
C LEU E 36 -6.51 -14.80 -6.16
N LEU E 37 -7.53 -13.99 -5.88
CA LEU E 37 -7.81 -12.86 -6.75
C LEU E 37 -6.83 -11.72 -6.52
N GLY E 38 -6.29 -11.61 -5.33
CA GLY E 38 -5.39 -10.50 -5.08
C GLY E 38 -3.97 -10.83 -5.45
N THR E 39 -3.65 -12.12 -5.43
CA THR E 39 -2.25 -12.53 -5.48
C THR E 39 -1.70 -12.57 -6.90
N ALA E 40 -2.21 -13.46 -7.72
CA ALA E 40 -1.61 -13.74 -9.01
C ALA E 40 -2.52 -13.46 -10.19
N VAL E 41 -3.80 -13.77 -10.09
CA VAL E 41 -4.66 -13.66 -11.26
C VAL E 41 -5.03 -12.21 -11.56
N GLU E 42 -4.66 -11.33 -10.64
CA GLU E 42 -4.87 -9.90 -10.82
C GLU E 42 -3.68 -9.34 -11.60
N SER E 43 -2.54 -10.01 -11.48
CA SER E 43 -1.33 -9.58 -12.19
C SER E 43 -1.41 -9.96 -13.66
N ALA E 44 -2.03 -11.09 -13.97
CA ALA E 44 -2.02 -11.60 -15.33
C ALA E 44 -2.88 -10.76 -16.26
N TRP E 45 -3.90 -10.09 -15.74
CA TRP E 45 -4.72 -9.19 -16.52
C TRP E 45 -4.17 -7.78 -16.54
N GLY E 46 -2.88 -7.62 -16.30
CA GLY E 46 -2.29 -6.30 -16.23
C GLY E 46 -2.22 -5.61 -17.58
N ASP E 47 -1.42 -6.16 -18.47
CA ASP E 47 -1.25 -5.59 -19.81
C ASP E 47 -2.33 -6.13 -20.75
N GLU E 48 -3.57 -5.81 -20.37
CA GLU E 48 -4.77 -6.25 -21.07
C GLU E 48 -4.93 -5.66 -22.46
N GLN E 49 -4.98 -4.34 -22.52
CA GLN E 49 -5.22 -3.64 -23.76
C GLN E 49 -3.94 -3.20 -24.45
N SER E 50 -2.84 -3.12 -23.72
CA SER E 50 -1.60 -2.63 -24.32
C SER E 50 -1.01 -3.67 -25.26
N ALA E 51 -0.99 -4.93 -24.84
CA ALA E 51 -0.39 -5.96 -25.67
C ALA E 51 -1.31 -6.45 -26.76
N PHE E 52 -2.58 -6.08 -26.73
CA PHE E 52 -3.53 -6.48 -27.76
C PHE E 52 -3.17 -5.81 -29.08
N ARG E 53 -3.29 -6.55 -30.17
CA ARG E 53 -2.81 -6.03 -31.44
C ARG E 53 -3.50 -6.74 -32.60
N CYS E 54 -3.99 -5.97 -33.56
CA CYS E 54 -4.51 -6.50 -34.80
C CYS E 54 -3.66 -5.99 -35.96
N ASN E 55 -3.76 -6.68 -37.08
CA ASN E 55 -2.90 -6.44 -38.23
C ASN E 55 -3.63 -5.54 -39.21
N THR E 56 -3.41 -4.24 -39.08
CA THR E 56 -3.93 -3.28 -40.04
C THR E 56 -3.02 -2.05 -40.04
N GLN E 57 -3.42 -1.06 -40.81
CA GLN E 57 -2.80 0.24 -40.81
C GLN E 57 -3.79 1.35 -40.52
N GLN E 58 -5.07 1.05 -40.47
CA GLN E 58 -6.14 1.99 -40.19
C GLN E 58 -6.12 2.39 -38.73
N PRO E 59 -6.26 3.68 -38.42
CA PRO E 59 -6.27 4.10 -37.01
C PRO E 59 -7.58 3.75 -36.32
N GLY E 60 -7.46 3.36 -35.06
CA GLY E 60 -8.60 3.20 -34.20
C GLY E 60 -9.38 1.93 -34.34
N CYS E 61 -9.00 1.03 -35.26
CA CYS E 61 -9.74 -0.21 -35.40
C CYS E 61 -9.51 -1.14 -34.21
N GLU E 62 -8.35 -0.99 -33.56
CA GLU E 62 -7.96 -1.89 -32.47
C GLU E 62 -8.89 -1.77 -31.29
N ASN E 63 -9.35 -0.56 -31.00
CA ASN E 63 -10.24 -0.36 -29.86
C ASN E 63 -11.60 -0.99 -30.11
N VAL E 64 -12.10 -0.89 -31.35
CA VAL E 64 -13.40 -1.47 -31.67
C VAL E 64 -13.33 -2.98 -31.66
N CYS E 65 -12.24 -3.56 -32.17
CA CYS E 65 -12.15 -5.01 -32.18
C CYS E 65 -11.90 -5.55 -30.76
N TYR E 66 -11.14 -4.84 -29.95
CA TYR E 66 -10.96 -5.24 -28.56
C TYR E 66 -12.25 -5.12 -27.78
N ASP E 67 -13.09 -4.14 -28.12
CA ASP E 67 -14.39 -4.03 -27.48
C ASP E 67 -15.30 -5.19 -27.86
N LYS E 68 -15.33 -5.52 -29.15
CA LYS E 68 -16.24 -6.57 -29.61
C LYS E 68 -15.79 -7.93 -29.12
N SER E 69 -14.48 -8.13 -28.93
CA SER E 69 -14.02 -9.39 -28.37
C SER E 69 -14.38 -9.52 -26.90
N PHE E 70 -14.19 -8.46 -26.13
CA PHE E 70 -14.36 -8.52 -24.68
C PHE E 70 -15.45 -7.56 -24.24
N PRO E 71 -16.64 -8.07 -23.91
CA PRO E 71 -17.62 -7.21 -23.24
C PRO E 71 -17.14 -6.78 -21.87
N ILE E 72 -16.65 -7.71 -21.06
CA ILE E 72 -16.03 -7.39 -19.79
C ILE E 72 -14.79 -8.24 -19.63
N SER E 73 -13.85 -7.75 -18.83
CA SER E 73 -12.78 -8.61 -18.39
C SER E 73 -13.34 -9.64 -17.40
N HIS E 74 -12.62 -10.75 -17.27
CA HIS E 74 -13.13 -11.82 -16.44
C HIS E 74 -13.01 -11.52 -14.95
N VAL E 75 -12.07 -10.67 -14.58
CA VAL E 75 -11.82 -10.40 -13.17
C VAL E 75 -12.98 -9.64 -12.56
N ARG E 76 -13.51 -8.66 -13.28
CA ARG E 76 -14.63 -7.91 -12.75
C ARG E 76 -15.90 -8.75 -12.75
N PHE E 77 -15.99 -9.71 -13.66
CA PHE E 77 -17.08 -10.66 -13.64
C PHE E 77 -17.01 -11.54 -12.40
N TRP E 78 -15.82 -12.01 -12.04
CA TRP E 78 -15.67 -12.80 -10.83
C TRP E 78 -15.91 -11.98 -9.58
N VAL E 79 -15.58 -10.68 -9.62
CA VAL E 79 -15.82 -9.83 -8.46
C VAL E 79 -17.32 -9.62 -8.25
N LEU E 80 -18.07 -9.42 -9.35
CA LEU E 80 -19.52 -9.32 -9.21
C LEU E 80 -20.13 -10.64 -8.75
N GLN E 81 -19.55 -11.77 -9.19
CA GLN E 81 -20.01 -13.06 -8.74
C GLN E 81 -19.77 -13.25 -7.25
N ILE E 82 -18.59 -12.84 -6.77
CA ILE E 82 -18.28 -13.02 -5.36
C ILE E 82 -19.02 -12.01 -4.50
N ILE E 83 -19.54 -10.94 -5.08
CA ILE E 83 -20.43 -10.08 -4.32
C ILE E 83 -21.82 -10.68 -4.23
N PHE E 84 -22.32 -11.22 -5.33
CA PHE E 84 -23.67 -11.72 -5.33
C PHE E 84 -23.82 -13.05 -4.62
N VAL E 85 -22.74 -13.82 -4.46
CA VAL E 85 -22.83 -15.02 -3.65
C VAL E 85 -22.57 -14.74 -2.18
N SER E 86 -22.23 -13.50 -1.83
CA SER E 86 -21.94 -13.17 -0.46
C SER E 86 -22.95 -12.24 0.18
N VAL E 87 -23.77 -11.55 -0.62
CA VAL E 87 -24.94 -10.87 -0.04
C VAL E 87 -25.90 -11.82 0.67
N PRO E 88 -26.41 -12.93 0.05
CA PRO E 88 -27.61 -13.53 0.65
C PRO E 88 -27.31 -14.46 1.82
N THR E 89 -26.12 -14.39 2.37
CA THR E 89 -25.81 -15.03 3.63
C THR E 89 -25.68 -14.03 4.77
N LEU E 90 -25.63 -12.74 4.47
CA LEU E 90 -25.48 -11.75 5.52
C LEU E 90 -26.77 -11.59 6.32
N LEU E 91 -27.91 -11.66 5.64
CA LEU E 91 -29.18 -11.47 6.33
C LEU E 91 -29.51 -12.59 7.29
N TYR E 92 -28.90 -13.77 7.11
CA TYR E 92 -29.02 -14.82 8.10
C TYR E 92 -28.33 -14.42 9.40
N LEU E 93 -27.12 -13.86 9.29
CA LEU E 93 -26.43 -13.33 10.45
C LEU E 93 -27.21 -12.19 11.07
N ALA E 94 -27.81 -11.34 10.24
CA ALA E 94 -28.59 -10.22 10.75
C ALA E 94 -29.81 -10.70 11.51
N HIS E 95 -30.47 -11.73 11.00
CA HIS E 95 -31.64 -12.28 11.67
C HIS E 95 -31.27 -12.94 12.99
N VAL E 96 -30.19 -13.71 13.01
CA VAL E 96 -29.84 -14.37 14.26
C VAL E 96 -29.29 -13.37 15.26
N PHE E 97 -28.67 -12.29 14.80
CA PHE E 97 -28.20 -11.25 15.70
C PHE E 97 -29.38 -10.48 16.28
N TYR E 98 -30.40 -10.22 15.47
CA TYR E 98 -31.59 -9.52 15.94
C TYR E 98 -32.35 -10.37 16.94
N VAL E 99 -32.52 -11.66 16.67
CA VAL E 99 -33.25 -12.48 17.62
C VAL E 99 -32.41 -12.78 18.86
N MET E 100 -31.08 -12.76 18.78
CA MET E 100 -30.28 -12.92 19.97
C MET E 100 -30.36 -11.67 20.84
N ARG E 101 -30.40 -10.50 20.19
CA ARG E 101 -30.63 -9.25 20.90
C ARG E 101 -32.00 -9.24 21.57
N LYS E 102 -33.03 -9.75 20.87
CA LYS E 102 -34.36 -9.80 21.44
C LYS E 102 -34.44 -10.79 22.60
N GLU E 103 -33.70 -11.89 22.51
CA GLU E 103 -33.61 -12.83 23.61
C GLU E 103 -32.95 -12.20 24.82
N GLU E 104 -31.83 -11.50 24.60
CA GLU E 104 -31.14 -10.87 25.71
C GLU E 104 -31.90 -9.69 26.28
N LYS E 105 -32.81 -9.10 25.51
CA LYS E 105 -33.70 -8.08 26.05
C LYS E 105 -34.81 -8.71 26.87
N LEU E 106 -35.38 -9.81 26.39
CA LEU E 106 -36.61 -10.32 26.96
C LEU E 106 -36.37 -11.16 28.22
N ASN E 107 -35.23 -11.85 28.29
CA ASN E 107 -35.03 -12.82 29.36
C ASN E 107 -34.80 -12.16 30.71
N LYS E 108 -34.29 -10.92 30.72
CA LYS E 108 -33.88 -10.26 31.95
C LYS E 108 -34.99 -9.40 32.55
N LYS E 109 -36.25 -9.74 32.27
CA LYS E 109 -37.39 -9.02 32.84
C LYS E 109 -37.92 -9.69 34.11
N GLU E 110 -37.05 -10.33 34.89
CA GLU E 110 -37.48 -11.06 36.06
C GLU E 110 -36.91 -10.45 37.34
N LYS E 144 -26.11 -20.83 23.68
CA LYS E 144 -25.94 -21.89 22.70
C LYS E 144 -26.61 -21.45 21.39
N VAL E 145 -26.79 -22.39 20.48
CA VAL E 145 -27.47 -22.14 19.20
C VAL E 145 -28.30 -23.37 18.86
N LYS E 146 -29.58 -23.15 18.55
CA LYS E 146 -30.47 -24.24 18.17
C LYS E 146 -31.47 -23.71 17.15
N MET E 147 -31.38 -24.23 15.93
CA MET E 147 -32.21 -23.75 14.84
C MET E 147 -33.63 -24.28 15.01
N ARG E 148 -34.56 -23.37 15.32
CA ARG E 148 -35.95 -23.74 15.52
C ARG E 148 -36.83 -22.59 15.03
N GLY E 149 -38.04 -22.94 14.62
CA GLY E 149 -39.07 -21.97 14.28
C GLY E 149 -38.98 -21.38 12.89
N GLY E 150 -38.06 -20.44 12.70
CA GLY E 150 -38.00 -19.74 11.42
C GLY E 150 -36.60 -19.71 10.84
N LEU E 151 -35.62 -20.09 11.67
CA LEU E 151 -34.24 -20.10 11.22
C LEU E 151 -34.00 -21.16 10.16
N LEU E 152 -34.77 -22.25 10.22
CA LEU E 152 -34.77 -23.24 9.15
C LEU E 152 -35.18 -22.62 7.83
N ARG E 153 -36.20 -21.76 7.87
CA ARG E 153 -36.74 -21.15 6.64
C ARG E 153 -35.73 -20.18 6.04
N THR E 154 -35.14 -19.33 6.87
CA THR E 154 -34.11 -18.40 6.42
C THR E 154 -32.90 -19.13 5.89
N TYR E 155 -32.54 -20.24 6.55
CA TYR E 155 -31.37 -21.01 6.15
C TYR E 155 -31.58 -21.64 4.78
N ILE E 156 -32.75 -22.24 4.56
CA ILE E 156 -32.94 -22.92 3.30
C ILE E 156 -33.14 -21.94 2.16
N ILE E 157 -33.73 -20.76 2.43
CA ILE E 157 -33.86 -19.82 1.32
C ILE E 157 -32.54 -19.15 1.03
N SER E 158 -31.66 -19.03 2.03
CA SER E 158 -30.32 -18.49 1.77
C SER E 158 -29.52 -19.45 0.91
N ILE E 159 -29.56 -20.74 1.24
CA ILE E 159 -28.82 -21.72 0.46
C ILE E 159 -29.40 -21.84 -0.94
N LEU E 160 -30.73 -21.72 -1.06
CA LEU E 160 -31.35 -21.75 -2.38
C LEU E 160 -30.95 -20.57 -3.23
N PHE E 161 -30.89 -19.37 -2.64
CA PHE E 161 -30.49 -18.20 -3.38
C PHE E 161 -29.03 -18.28 -3.81
N LYS E 162 -28.17 -18.81 -2.93
CA LYS E 162 -26.77 -19.00 -3.27
C LYS E 162 -26.61 -19.97 -4.43
N SER E 163 -27.37 -21.06 -4.43
CA SER E 163 -27.30 -22.05 -5.49
C SER E 163 -27.78 -21.48 -6.82
N ILE E 164 -28.90 -20.74 -6.80
CA ILE E 164 -29.43 -20.27 -8.07
C ILE E 164 -28.59 -19.14 -8.63
N PHE E 165 -27.96 -18.33 -7.76
CA PHE E 165 -27.04 -17.31 -8.26
C PHE E 165 -25.80 -17.94 -8.85
N GLU E 166 -25.33 -19.03 -8.23
CA GLU E 166 -24.16 -19.73 -8.74
C GLU E 166 -24.40 -20.30 -10.13
N VAL E 167 -25.53 -20.99 -10.29
CA VAL E 167 -25.80 -21.60 -11.59
C VAL E 167 -26.15 -20.54 -12.62
N ALA E 168 -26.69 -19.38 -12.19
CA ALA E 168 -26.97 -18.31 -13.14
C ALA E 168 -25.69 -17.69 -13.67
N PHE E 169 -24.73 -17.42 -12.79
CA PHE E 169 -23.46 -16.84 -13.22
C PHE E 169 -22.69 -17.81 -14.10
N LEU E 170 -22.71 -19.10 -13.75
CA LEU E 170 -21.98 -20.06 -14.57
C LEU E 170 -22.63 -20.23 -15.93
N LEU E 171 -23.97 -20.17 -15.99
CA LEU E 171 -24.67 -20.26 -17.25
C LEU E 171 -24.35 -19.07 -18.14
N ILE E 172 -24.29 -17.87 -17.55
CA ILE E 172 -24.00 -16.68 -18.35
C ILE E 172 -22.58 -16.71 -18.87
N GLN E 173 -21.63 -17.20 -18.05
CA GLN E 173 -20.25 -17.29 -18.50
C GLN E 173 -20.10 -18.31 -19.61
N TRP E 174 -20.84 -19.42 -19.54
CA TRP E 174 -20.80 -20.36 -20.67
C TRP E 174 -21.47 -19.80 -21.90
N TYR E 175 -22.50 -18.97 -21.71
CA TYR E 175 -23.22 -18.44 -22.86
C TYR E 175 -22.39 -17.42 -23.62
N ILE E 176 -21.63 -16.59 -22.92
CA ILE E 176 -20.88 -15.54 -23.61
C ILE E 176 -19.52 -16.04 -24.07
N TYR E 177 -18.70 -16.55 -23.17
CA TYR E 177 -17.30 -16.77 -23.49
C TYR E 177 -16.95 -18.19 -23.86
N GLY E 178 -17.67 -19.18 -23.36
CA GLY E 178 -17.12 -20.51 -23.50
C GLY E 178 -16.01 -20.70 -22.47
N PHE E 179 -15.24 -21.75 -22.66
CA PHE E 179 -14.17 -22.06 -21.72
C PHE E 179 -12.88 -22.34 -22.45
N SER E 180 -12.61 -21.60 -23.50
CA SER E 180 -11.36 -21.68 -24.22
C SER E 180 -11.17 -20.39 -24.98
N LEU E 181 -9.91 -20.01 -25.18
CA LEU E 181 -9.57 -18.80 -25.90
C LEU E 181 -8.61 -19.14 -27.03
N SER E 182 -9.02 -18.84 -28.25
CA SER E 182 -8.14 -19.02 -29.39
C SER E 182 -7.16 -17.86 -29.45
N ALA E 183 -5.98 -18.14 -30.01
CA ALA E 183 -4.97 -17.10 -30.11
C ALA E 183 -5.33 -16.08 -31.18
N VAL E 184 -6.04 -16.51 -32.22
CA VAL E 184 -6.36 -15.65 -33.36
C VAL E 184 -7.86 -15.40 -33.34
N TYR E 185 -8.24 -14.14 -33.51
CA TYR E 185 -9.64 -13.76 -33.56
C TYR E 185 -9.93 -13.05 -34.87
N THR E 186 -11.10 -13.28 -35.42
CA THR E 186 -11.55 -12.62 -36.63
C THR E 186 -12.59 -11.56 -36.26
N CYS E 187 -12.33 -10.33 -36.66
CA CYS E 187 -13.14 -9.18 -36.29
C CYS E 187 -13.79 -8.59 -37.53
N LYS E 188 -15.08 -8.27 -37.42
CA LYS E 188 -15.93 -7.93 -38.55
C LYS E 188 -16.82 -6.73 -38.22
N ARG E 189 -16.21 -5.63 -37.79
CA ARG E 189 -16.98 -4.48 -37.35
C ARG E 189 -16.51 -3.21 -38.06
N ASP E 190 -17.45 -2.29 -38.23
CA ASP E 190 -17.13 -0.96 -38.68
C ASP E 190 -16.35 -0.22 -37.59
N PRO E 191 -15.50 0.74 -37.97
CA PRO E 191 -15.13 1.26 -39.28
C PRO E 191 -13.97 0.53 -39.91
N CYS E 192 -13.70 -0.68 -39.45
CA CYS E 192 -12.64 -1.46 -40.06
C CYS E 192 -13.13 -2.02 -41.40
N PRO E 193 -12.23 -2.31 -42.34
CA PRO E 193 -12.63 -3.08 -43.52
C PRO E 193 -13.02 -4.50 -43.15
N HIS E 194 -13.53 -5.22 -44.16
CA HIS E 194 -14.34 -6.44 -44.08
C HIS E 194 -14.03 -7.42 -42.96
N GLN E 195 -12.81 -7.95 -42.92
CA GLN E 195 -12.38 -8.82 -41.84
C GLN E 195 -10.96 -8.46 -41.47
N VAL E 196 -10.65 -8.54 -40.18
CA VAL E 196 -9.30 -8.33 -39.70
C VAL E 196 -8.95 -9.42 -38.69
N ASP E 197 -7.67 -9.68 -38.52
CA ASP E 197 -7.20 -10.67 -37.57
C ASP E 197 -6.55 -9.99 -36.38
N CYS E 198 -6.84 -10.49 -35.19
CA CYS E 198 -6.30 -9.93 -33.95
C CYS E 198 -5.66 -11.05 -33.15
N PHE E 199 -4.64 -10.67 -32.39
CA PHE E 199 -3.85 -11.62 -31.62
C PHE E 199 -3.88 -11.19 -30.17
N LEU E 200 -4.21 -12.11 -29.27
CA LEU E 200 -4.32 -11.79 -27.87
C LEU E 200 -2.96 -11.86 -27.20
N SER E 201 -2.97 -11.86 -25.87
CA SER E 201 -1.75 -12.03 -25.08
C SER E 201 -2.00 -13.05 -23.98
N ARG E 202 -1.12 -14.04 -23.90
CA ARG E 202 -1.15 -15.17 -22.98
C ARG E 202 -2.49 -15.89 -22.97
N PRO E 203 -2.84 -16.63 -23.99
CA PRO E 203 -4.13 -17.31 -23.95
C PRO E 203 -4.13 -18.53 -23.03
N THR E 204 -2.98 -19.19 -22.94
CA THR E 204 -2.89 -20.46 -22.24
C THR E 204 -3.09 -20.29 -20.74
N GLU E 205 -2.40 -19.32 -20.16
CA GLU E 205 -2.49 -19.06 -18.73
C GLU E 205 -3.89 -18.62 -18.34
N LYS E 206 -4.53 -17.82 -19.20
CA LYS E 206 -5.87 -17.36 -18.90
C LYS E 206 -6.87 -18.51 -18.98
N THR E 207 -6.70 -19.42 -19.93
CA THR E 207 -7.58 -20.57 -20.00
C THR E 207 -7.41 -21.48 -18.78
N ILE E 208 -6.17 -21.60 -18.31
CA ILE E 208 -5.89 -22.38 -17.11
C ILE E 208 -6.62 -21.80 -15.91
N PHE E 209 -6.54 -20.49 -15.73
CA PHE E 209 -7.20 -19.89 -14.58
C PHE E 209 -8.72 -19.89 -14.73
N ILE E 210 -9.21 -19.86 -15.96
CA ILE E 210 -10.66 -19.97 -16.18
C ILE E 210 -11.15 -21.35 -15.75
N ILE E 211 -10.43 -22.39 -16.14
CA ILE E 211 -10.75 -23.76 -15.72
C ILE E 211 -10.69 -23.89 -14.21
N PHE E 212 -9.72 -23.20 -13.60
CA PHE E 212 -9.54 -23.29 -12.15
C PHE E 212 -10.71 -22.66 -11.40
N MET E 213 -11.12 -21.46 -11.81
CA MET E 213 -12.27 -20.84 -11.17
C MET E 213 -13.56 -21.61 -11.44
N LEU E 214 -13.64 -22.27 -12.60
CA LEU E 214 -14.80 -23.11 -12.90
C LEU E 214 -14.89 -24.28 -11.94
N VAL E 215 -13.79 -24.98 -11.71
CA VAL E 215 -13.86 -26.16 -10.86
C VAL E 215 -14.04 -25.78 -9.39
N VAL E 216 -13.57 -24.59 -9.01
CA VAL E 216 -13.82 -24.11 -7.66
C VAL E 216 -15.30 -23.82 -7.46
N SER E 217 -15.93 -23.17 -8.46
CA SER E 217 -17.37 -22.91 -8.38
C SER E 217 -18.18 -24.20 -8.37
N LEU E 218 -17.72 -25.21 -9.11
CA LEU E 218 -18.42 -26.49 -9.17
C LEU E 218 -18.39 -27.19 -7.82
N VAL E 219 -17.22 -27.26 -7.19
CA VAL E 219 -17.18 -27.94 -5.91
C VAL E 219 -17.84 -27.13 -4.81
N SER E 220 -17.92 -25.79 -4.95
CA SER E 220 -18.68 -25.01 -3.99
C SER E 220 -20.17 -25.32 -4.08
N LEU E 221 -20.69 -25.43 -5.30
CA LEU E 221 -22.10 -25.78 -5.49
C LEU E 221 -22.39 -27.17 -4.95
N ALA E 222 -21.49 -28.12 -5.21
CA ALA E 222 -21.70 -29.49 -4.72
C ALA E 222 -21.66 -29.55 -3.20
N LEU E 223 -20.78 -28.76 -2.58
CA LEU E 223 -20.71 -28.72 -1.13
C LEU E 223 -21.98 -28.12 -0.53
N ASN E 224 -22.53 -27.07 -1.17
CA ASN E 224 -23.78 -26.49 -0.68
C ASN E 224 -24.94 -27.48 -0.80
N ILE E 225 -24.96 -28.24 -1.88
CA ILE E 225 -26.04 -29.20 -2.10
C ILE E 225 -25.99 -30.32 -1.07
N ILE E 226 -24.79 -30.87 -0.84
CA ILE E 226 -24.70 -31.97 0.12
C ILE E 226 -24.89 -31.46 1.54
N GLU E 227 -24.59 -30.18 1.79
CA GLU E 227 -24.85 -29.61 3.11
C GLU E 227 -26.34 -29.47 3.37
N LEU E 228 -27.09 -28.97 2.39
CA LEU E 228 -28.53 -28.85 2.53
C LEU E 228 -29.19 -30.22 2.64
N PHE E 229 -28.66 -31.20 1.92
CA PHE E 229 -29.18 -32.56 1.98
C PHE E 229 -28.97 -33.16 3.38
N TYR E 230 -27.77 -32.97 3.94
CA TYR E 230 -27.48 -33.48 5.28
C TYR E 230 -28.33 -32.78 6.33
N VAL E 231 -28.55 -31.48 6.17
CA VAL E 231 -29.31 -30.73 7.17
C VAL E 231 -30.78 -31.13 7.11
N PHE E 232 -31.32 -31.33 5.91
CA PHE E 232 -32.71 -31.78 5.81
C PHE E 232 -32.88 -33.21 6.30
N PHE E 233 -31.88 -34.07 6.07
CA PHE E 233 -31.93 -35.43 6.59
C PHE E 233 -31.89 -35.44 8.11
N LYS E 234 -31.05 -34.59 8.72
CA LYS E 234 -31.02 -34.52 10.16
C LYS E 234 -32.26 -33.84 10.72
N GLY E 235 -32.89 -32.95 9.94
CA GLY E 235 -34.09 -32.29 10.39
C GLY E 235 -35.32 -33.17 10.32
N VAL E 236 -35.35 -34.12 9.38
CA VAL E 236 -36.40 -35.12 9.39
C VAL E 236 -36.06 -36.31 10.27
N LYS E 237 -34.80 -36.44 10.68
CA LYS E 237 -34.42 -37.48 11.64
C LYS E 237 -34.61 -37.00 13.09
N ASP E 238 -33.94 -35.89 13.44
CA ASP E 238 -33.94 -35.28 14.78
C ASP E 238 -33.56 -36.25 15.90
N GLY F 2 0.20 -9.07 -3.88
CA GLY F 2 -1.01 -9.33 -3.13
C GLY F 2 -0.76 -9.45 -1.64
N ASP F 3 -1.82 -9.31 -0.85
CA ASP F 3 -1.71 -9.41 0.61
C ASP F 3 -1.61 -10.86 1.06
N TRP F 4 -0.71 -11.12 2.01
CA TRP F 4 -0.51 -12.47 2.52
C TRP F 4 -0.77 -12.53 4.02
N SER F 5 -1.72 -11.71 4.48
CA SER F 5 -2.07 -11.67 5.90
C SER F 5 -3.44 -12.30 6.14
N ALA F 6 -3.76 -13.32 5.36
CA ALA F 6 -4.99 -14.05 5.57
C ALA F 6 -4.58 -15.26 6.41
N LEU F 7 -3.78 -16.14 5.81
CA LEU F 7 -3.31 -17.35 6.47
C LEU F 7 -2.59 -17.14 7.81
N GLY F 8 -1.85 -16.04 7.96
CA GLY F 8 -1.12 -15.78 9.19
C GLY F 8 -1.98 -15.86 10.44
N LYS F 9 -3.23 -15.41 10.37
CA LYS F 9 -4.09 -15.45 11.55
C LYS F 9 -4.65 -16.86 11.74
N LEU F 10 -4.09 -17.78 10.97
CA LEU F 10 -4.50 -19.19 10.94
C LEU F 10 -3.31 -20.11 11.17
N LEU F 11 -2.18 -19.83 10.53
CA LEU F 11 -0.97 -20.60 10.79
C LEU F 11 -0.32 -20.21 12.11
N ASP F 12 -0.65 -19.05 12.66
CA ASP F 12 -0.18 -18.70 14.00
C ASP F 12 -0.87 -19.56 15.05
N LYS F 13 -2.17 -19.79 14.89
CA LYS F 13 -2.92 -20.56 15.87
C LYS F 13 -2.49 -22.02 15.89
N VAL F 14 -2.03 -22.55 14.75
CA VAL F 14 -1.47 -23.90 14.76
C VAL F 14 -0.06 -23.93 15.33
N GLN F 15 0.58 -22.77 15.46
CA GLN F 15 1.88 -22.68 16.11
C GLN F 15 1.72 -22.47 17.61
N ALA F 16 0.87 -23.29 18.21
CA ALA F 16 0.72 -23.40 19.65
C ALA F 16 0.74 -24.85 20.10
N TYR F 17 0.22 -25.77 19.29
CA TYR F 17 0.06 -27.16 19.70
C TYR F 17 0.45 -28.10 18.57
N SER F 18 1.61 -27.88 17.96
CA SER F 18 2.20 -28.84 17.05
C SER F 18 3.57 -29.28 17.58
N THR F 19 4.10 -30.33 16.98
CA THR F 19 5.42 -30.82 17.37
C THR F 19 6.52 -29.91 16.83
N ALA F 20 7.74 -30.17 17.28
CA ALA F 20 8.87 -29.28 16.99
C ALA F 20 9.25 -29.31 15.51
N GLY F 21 9.13 -30.48 14.89
CA GLY F 21 9.35 -30.56 13.45
C GLY F 21 8.28 -29.80 12.68
N GLY F 22 7.04 -29.85 13.17
CA GLY F 22 5.99 -29.03 12.57
C GLY F 22 6.26 -27.55 12.76
N LYS F 23 6.83 -27.18 13.90
CA LYS F 23 7.15 -25.78 14.15
C LYS F 23 8.27 -25.29 13.24
N VAL F 24 9.32 -26.10 13.05
CA VAL F 24 10.40 -25.65 12.19
C VAL F 24 10.00 -25.70 10.72
N TRP F 25 9.08 -26.60 10.35
CA TRP F 25 8.58 -26.60 8.98
C TRP F 25 7.70 -25.40 8.72
N LEU F 26 6.87 -25.03 9.70
CA LEU F 26 6.09 -23.81 9.59
C LEU F 26 6.99 -22.59 9.51
N SER F 27 8.11 -22.62 10.24
CA SER F 27 9.03 -21.49 10.23
C SER F 27 9.73 -21.35 8.88
N VAL F 28 10.14 -22.46 8.27
CA VAL F 28 10.83 -22.34 6.98
C VAL F 28 9.84 -22.01 5.87
N LEU F 29 8.60 -22.53 5.96
CA LEU F 29 7.57 -22.15 5.01
C LEU F 29 7.21 -20.68 5.13
N PHE F 30 7.29 -20.16 6.35
CA PHE F 30 7.01 -18.76 6.59
C PHE F 30 8.12 -17.89 6.04
N ILE F 31 9.36 -18.14 6.45
CA ILE F 31 10.41 -17.16 6.25
C ILE F 31 11.07 -17.31 4.88
N PHE F 32 11.01 -18.49 4.26
CA PHE F 32 11.79 -18.67 3.05
C PHE F 32 10.96 -18.72 1.78
N ARG F 33 9.63 -18.79 1.89
CA ARG F 33 8.80 -18.80 0.70
C ARG F 33 7.95 -17.54 0.59
N ILE F 34 7.11 -17.28 1.59
CA ILE F 34 6.17 -16.16 1.50
C ILE F 34 6.92 -14.85 1.61
N LEU F 35 8.01 -14.85 2.38
CA LEU F 35 8.81 -13.64 2.49
C LEU F 35 9.63 -13.42 1.23
N LEU F 36 10.15 -14.49 0.65
CA LEU F 36 10.96 -14.34 -0.56
C LEU F 36 10.10 -13.96 -1.75
N LEU F 37 8.84 -14.37 -1.75
CA LEU F 37 8.01 -14.13 -2.92
C LEU F 37 7.56 -12.69 -3.01
N GLY F 38 7.43 -12.02 -1.88
CA GLY F 38 6.94 -10.66 -1.94
C GLY F 38 8.07 -9.67 -2.16
N THR F 39 9.27 -10.06 -1.75
CA THR F 39 10.35 -9.09 -1.64
C THR F 39 11.05 -8.83 -2.96
N ALA F 40 11.72 -9.83 -3.51
CA ALA F 40 12.59 -9.63 -4.64
C ALA F 40 12.20 -10.41 -5.87
N VAL F 41 11.75 -11.65 -5.73
CA VAL F 41 11.51 -12.47 -6.90
C VAL F 41 10.24 -12.07 -7.63
N GLU F 42 9.47 -11.19 -7.00
CA GLU F 42 8.26 -10.65 -7.59
C GLU F 42 8.65 -9.46 -8.46
N SER F 43 9.75 -8.82 -8.11
CA SER F 43 10.24 -7.67 -8.88
C SER F 43 10.88 -8.12 -10.18
N ALA F 44 11.56 -9.27 -10.16
CA ALA F 44 12.33 -9.71 -11.31
C ALA F 44 11.45 -10.12 -12.48
N TRP F 45 10.23 -10.57 -12.20
CA TRP F 45 9.27 -10.90 -13.24
C TRP F 45 8.43 -9.71 -13.65
N GLY F 46 8.92 -8.50 -13.44
CA GLY F 46 8.15 -7.32 -13.74
C GLY F 46 8.00 -7.09 -15.22
N ASP F 47 9.10 -6.80 -15.89
CA ASP F 47 9.07 -6.55 -17.33
C ASP F 47 9.19 -7.86 -18.10
N GLU F 48 8.18 -8.69 -17.87
CA GLU F 48 8.07 -10.02 -18.45
C GLU F 48 7.89 -10.03 -19.96
N GLN F 49 6.81 -9.41 -20.40
CA GLN F 49 6.45 -9.42 -21.81
C GLN F 49 6.95 -8.19 -22.55
N SER F 50 7.27 -7.12 -21.85
CA SER F 50 7.70 -5.91 -22.53
C SER F 50 9.10 -6.06 -23.09
N ALA F 51 10.01 -6.64 -22.33
CA ALA F 51 11.38 -6.77 -22.79
C ALA F 51 11.58 -7.95 -23.73
N PHE F 52 10.60 -8.83 -23.84
CA PHE F 52 10.69 -9.97 -24.74
C PHE F 52 10.69 -9.50 -26.18
N ARG F 53 11.51 -10.12 -27.01
CA ARG F 53 11.69 -9.61 -28.36
C ARG F 53 12.19 -10.71 -29.28
N CYS F 54 11.56 -10.84 -30.44
CA CYS F 54 12.05 -11.72 -31.49
C CYS F 54 12.39 -10.89 -32.72
N ASN F 55 13.20 -11.48 -33.59
CA ASN F 55 13.77 -10.78 -34.74
C ASN F 55 12.90 -11.06 -35.96
N THR F 56 11.94 -10.19 -36.21
CA THR F 56 11.14 -10.25 -37.42
C THR F 56 10.64 -8.87 -37.75
N GLN F 57 9.83 -8.80 -38.80
CA GLN F 57 9.12 -7.60 -39.15
C GLN F 57 7.62 -7.83 -39.23
N GLN F 58 7.17 -9.06 -39.14
CA GLN F 58 5.77 -9.46 -39.18
C GLN F 58 5.07 -9.03 -37.90
N PRO F 59 3.88 -8.45 -37.99
CA PRO F 59 3.16 -8.05 -36.77
C PRO F 59 2.57 -9.25 -36.04
N GLY F 60 2.61 -9.19 -34.72
CA GLY F 60 1.90 -10.13 -33.89
C GLY F 60 2.56 -11.47 -33.67
N CYS F 61 3.72 -11.72 -34.27
CA CYS F 61 4.37 -13.00 -34.06
C CYS F 61 4.92 -13.13 -32.66
N GLU F 62 5.25 -11.99 -32.03
CA GLU F 62 5.89 -11.98 -30.73
C GLU F 62 4.98 -12.55 -29.66
N ASN F 63 3.69 -12.27 -29.75
CA ASN F 63 2.75 -12.79 -28.75
C ASN F 63 2.62 -14.29 -28.84
N VAL F 64 2.60 -14.82 -30.07
CA VAL F 64 2.46 -16.26 -30.24
C VAL F 64 3.71 -16.98 -29.79
N CYS F 65 4.89 -16.42 -30.08
CA CYS F 65 6.11 -17.09 -29.65
C CYS F 65 6.30 -16.99 -28.14
N TYR F 66 5.91 -15.86 -27.55
CA TYR F 66 5.96 -15.73 -26.10
C TYR F 66 4.98 -16.67 -25.43
N ASP F 67 3.84 -16.92 -26.07
CA ASP F 67 2.89 -17.88 -25.52
C ASP F 67 3.45 -19.29 -25.58
N LYS F 68 4.02 -19.66 -26.72
CA LYS F 68 4.51 -21.02 -26.87
C LYS F 68 5.73 -21.29 -25.99
N SER F 69 6.52 -20.25 -25.71
CA SER F 69 7.64 -20.44 -24.79
C SER F 69 7.17 -20.62 -23.36
N PHE F 70 6.21 -19.81 -22.93
CA PHE F 70 5.77 -19.79 -21.54
C PHE F 70 4.32 -20.18 -21.42
N PRO F 71 4.01 -21.39 -21.00
CA PRO F 71 2.62 -21.69 -20.64
C PRO F 71 2.16 -20.89 -19.44
N ILE F 72 2.96 -20.85 -18.38
CA ILE F 72 2.69 -19.99 -17.24
C ILE F 72 3.99 -19.35 -16.80
N SER F 73 3.88 -18.21 -16.16
CA SER F 73 5.03 -17.68 -15.44
C SER F 73 5.30 -18.55 -14.22
N HIS F 74 6.54 -18.50 -13.74
CA HIS F 74 6.92 -19.38 -12.65
C HIS F 74 6.34 -18.93 -11.32
N VAL F 75 6.06 -17.64 -11.18
CA VAL F 75 5.60 -17.11 -9.90
C VAL F 75 4.22 -17.61 -9.57
N ARG F 76 3.33 -17.66 -10.57
CA ARG F 76 1.99 -18.15 -10.32
C ARG F 76 1.99 -19.65 -10.11
N PHE F 77 2.96 -20.34 -10.71
CA PHE F 77 3.15 -21.76 -10.44
C PHE F 77 3.56 -22.00 -8.99
N TRP F 78 4.48 -21.18 -8.48
CA TRP F 78 4.87 -21.31 -7.08
C TRP F 78 3.75 -20.92 -6.13
N VAL F 79 2.90 -19.98 -6.54
CA VAL F 79 1.78 -19.59 -5.69
C VAL F 79 0.76 -20.73 -5.60
N LEU F 80 0.48 -21.40 -6.73
CA LEU F 80 -0.39 -22.56 -6.67
C LEU F 80 0.23 -23.70 -5.87
N GLN F 81 1.54 -23.84 -5.94
CA GLN F 81 2.23 -24.84 -5.14
C GLN F 81 2.12 -24.54 -3.66
N ILE F 82 2.29 -23.27 -3.28
CA ILE F 82 2.22 -22.91 -1.87
C ILE F 82 0.79 -22.91 -1.37
N ILE F 83 -0.20 -22.88 -2.26
CA ILE F 83 -1.57 -23.08 -1.81
C ILE F 83 -1.83 -24.55 -1.58
N PHE F 84 -1.37 -25.40 -2.50
CA PHE F 84 -1.69 -26.81 -2.39
C PHE F 84 -0.89 -27.53 -1.33
N VAL F 85 0.27 -26.99 -0.91
CA VAL F 85 0.97 -27.58 0.21
C VAL F 85 0.49 -27.02 1.54
N SER F 86 -0.42 -26.06 1.52
CA SER F 86 -0.90 -25.44 2.74
C SER F 86 -2.36 -25.74 3.05
N VAL F 87 -3.13 -26.19 2.06
CA VAL F 87 -4.44 -26.76 2.37
C VAL F 87 -4.39 -27.96 3.30
N PRO F 88 -3.59 -29.05 3.02
CA PRO F 88 -3.90 -30.30 3.74
C PRO F 88 -3.31 -30.38 5.13
N THR F 89 -2.87 -29.24 5.67
CA THR F 89 -2.52 -29.15 7.08
C THR F 89 -3.56 -28.39 7.88
N LEU F 90 -4.50 -27.71 7.22
CA LEU F 90 -5.50 -26.94 7.93
C LEU F 90 -6.51 -27.84 8.61
N LEU F 91 -6.88 -28.94 7.95
CA LEU F 91 -7.90 -29.83 8.50
C LEU F 91 -7.42 -30.55 9.74
N TYR F 92 -6.11 -30.67 9.93
CA TYR F 92 -5.57 -31.19 11.19
C TYR F 92 -5.87 -30.23 12.34
N LEU F 93 -5.65 -28.93 12.10
CA LEU F 93 -6.03 -27.91 13.08
C LEU F 93 -7.52 -27.90 13.31
N ALA F 94 -8.31 -28.08 12.25
CA ALA F 94 -9.75 -28.10 12.38
C ALA F 94 -10.22 -29.29 13.21
N HIS F 95 -9.59 -30.44 13.01
CA HIS F 95 -9.96 -31.62 13.77
C HIS F 95 -9.57 -31.49 15.24
N VAL F 96 -8.38 -30.96 15.52
CA VAL F 96 -8.01 -30.84 16.92
C VAL F 96 -8.78 -29.73 17.60
N PHE F 97 -9.20 -28.71 16.86
CA PHE F 97 -10.03 -27.66 17.43
C PHE F 97 -11.43 -28.18 17.73
N TYR F 98 -11.96 -29.02 16.84
CA TYR F 98 -13.28 -29.61 17.04
C TYR F 98 -13.27 -30.55 18.23
N VAL F 99 -12.24 -31.40 18.34
CA VAL F 99 -12.23 -32.32 19.47
C VAL F 99 -11.87 -31.61 20.77
N MET F 100 -11.16 -30.48 20.72
CA MET F 100 -10.92 -29.72 21.94
C MET F 100 -12.19 -29.03 22.39
N ARG F 101 -12.99 -28.56 21.43
CA ARG F 101 -14.31 -28.01 21.74
C ARG F 101 -15.22 -29.08 22.33
N LYS F 102 -15.16 -30.30 21.78
CA LYS F 102 -15.98 -31.39 22.30
C LYS F 102 -15.53 -31.81 23.69
N GLU F 103 -14.23 -31.76 23.95
CA GLU F 103 -13.71 -32.02 25.28
C GLU F 103 -14.18 -30.98 26.28
N GLU F 104 -14.10 -29.71 25.90
CA GLU F 104 -14.53 -28.64 26.80
C GLU F 104 -16.05 -28.60 26.97
N LYS F 105 -16.79 -29.17 26.03
CA LYS F 105 -18.22 -29.34 26.22
C LYS F 105 -18.53 -30.50 27.15
N LEU F 106 -17.81 -31.61 27.00
CA LEU F 106 -18.21 -32.84 27.66
C LEU F 106 -17.74 -32.91 29.11
N ASN F 107 -16.60 -32.28 29.42
CA ASN F 107 -16.00 -32.47 30.73
C ASN F 107 -16.77 -31.77 31.83
N LYS F 108 -17.48 -30.69 31.50
CA LYS F 108 -18.14 -29.85 32.49
C LYS F 108 -19.57 -30.26 32.78
N LYS F 109 -19.90 -31.54 32.57
CA LYS F 109 -21.23 -32.06 32.88
C LYS F 109 -21.30 -32.69 34.26
N GLU F 110 -20.54 -32.17 35.22
CA GLU F 110 -20.47 -32.76 36.54
C GLU F 110 -21.01 -31.81 37.60
N LYS F 144 -3.31 -29.78 27.93
CA LYS F 144 -2.11 -30.31 27.30
C LYS F 144 -2.46 -30.82 25.91
N VAL F 145 -1.56 -31.57 25.30
CA VAL F 145 -1.78 -32.18 23.99
C VAL F 145 -1.15 -33.57 24.00
N LYS F 146 -1.92 -34.58 23.60
CA LYS F 146 -1.42 -35.95 23.53
C LYS F 146 -2.09 -36.65 22.37
N MET F 147 -1.32 -37.00 21.36
CA MET F 147 -1.86 -37.61 20.14
C MET F 147 -2.23 -39.06 20.42
N ARG F 148 -3.53 -39.34 20.42
CA ARG F 148 -4.04 -40.68 20.67
C ARG F 148 -5.29 -40.90 19.84
N GLY F 149 -5.54 -42.16 19.52
CA GLY F 149 -6.77 -42.57 18.88
C GLY F 149 -6.83 -42.37 17.38
N GLY F 150 -7.07 -41.14 16.94
CA GLY F 150 -7.25 -40.89 15.53
C GLY F 150 -6.38 -39.77 15.01
N LEU F 151 -5.77 -39.03 15.93
CA LEU F 151 -4.91 -37.91 15.56
C LEU F 151 -3.65 -38.40 14.86
N LEU F 152 -3.19 -39.60 15.21
CA LEU F 152 -2.12 -40.25 14.48
C LEU F 152 -2.49 -40.44 13.02
N ARG F 153 -3.74 -40.88 12.77
CA ARG F 153 -4.18 -41.16 11.41
C ARG F 153 -4.26 -39.90 10.58
N THR F 154 -4.87 -38.85 11.15
CA THR F 154 -4.95 -37.56 10.48
C THR F 154 -3.57 -36.98 10.22
N TYR F 155 -2.67 -37.16 11.19
CA TYR F 155 -1.32 -36.62 11.06
C TYR F 155 -0.56 -37.30 9.93
N ILE F 156 -0.64 -38.62 9.86
CA ILE F 156 0.15 -39.31 8.85
C ILE F 156 -0.46 -39.12 7.47
N ILE F 157 -1.78 -38.98 7.37
CA ILE F 157 -2.32 -38.75 6.03
C ILE F 157 -2.08 -37.31 5.59
N SER F 158 -1.98 -36.38 6.53
CA SER F 158 -1.63 -35.00 6.18
C SER F 158 -0.21 -34.92 5.66
N ILE F 159 0.72 -35.58 6.35
CA ILE F 159 2.11 -35.56 5.92
C ILE F 159 2.28 -36.30 4.59
N LEU F 160 1.50 -37.38 4.40
CA LEU F 160 1.55 -38.10 3.13
C LEU F 160 1.03 -37.26 1.98
N PHE F 161 -0.06 -36.51 2.20
CA PHE F 161 -0.60 -35.66 1.16
C PHE F 161 0.35 -34.53 0.82
N LYS F 162 1.00 -33.96 1.84
CA LYS F 162 1.99 -32.91 1.61
C LYS F 162 3.16 -33.43 0.80
N SER F 163 3.63 -34.64 1.10
CA SER F 163 4.76 -35.22 0.37
C SER F 163 4.40 -35.51 -1.07
N ILE F 164 3.21 -36.07 -1.31
CA ILE F 164 2.87 -36.44 -2.68
C ILE F 164 2.56 -35.22 -3.51
N PHE F 165 2.00 -34.16 -2.91
CA PHE F 165 1.80 -32.92 -3.65
C PHE F 165 3.12 -32.26 -3.99
N GLU F 166 4.08 -32.35 -3.07
CA GLU F 166 5.40 -31.79 -3.31
C GLU F 166 6.10 -32.47 -4.48
N VAL F 167 6.10 -33.80 -4.47
CA VAL F 167 6.79 -34.51 -5.54
C VAL F 167 6.03 -34.39 -6.85
N ALA F 168 4.71 -34.21 -6.80
CA ALA F 168 3.93 -34.00 -8.03
C ALA F 168 4.26 -32.68 -8.67
N PHE F 169 4.31 -31.61 -7.88
CA PHE F 169 4.63 -30.29 -8.42
C PHE F 169 6.06 -30.25 -8.96
N LEU F 170 6.99 -30.88 -8.25
CA LEU F 170 8.37 -30.87 -8.72
C LEU F 170 8.52 -31.69 -9.99
N LEU F 171 7.79 -32.80 -10.10
CA LEU F 171 7.81 -33.60 -11.31
C LEU F 171 7.25 -32.84 -12.50
N ILE F 172 6.17 -32.09 -12.29
CA ILE F 172 5.58 -31.34 -13.38
C ILE F 172 6.49 -30.21 -13.83
N GLN F 173 7.17 -29.55 -12.88
CA GLN F 173 8.09 -28.49 -13.23
C GLN F 173 9.30 -29.03 -13.99
N TRP F 174 9.77 -30.23 -13.63
CA TRP F 174 10.85 -30.82 -14.42
C TRP F 174 10.36 -31.27 -15.79
N TYR F 175 9.10 -31.68 -15.88
CA TYR F 175 8.60 -32.17 -17.16
C TYR F 175 8.42 -31.04 -18.15
N ILE F 176 7.97 -29.88 -17.70
CA ILE F 176 7.70 -28.79 -18.65
C ILE F 176 8.94 -27.95 -18.90
N TYR F 177 9.56 -27.42 -17.86
CA TYR F 177 10.56 -26.37 -18.06
C TYR F 177 11.98 -26.85 -17.99
N GLY F 178 12.27 -27.91 -17.25
CA GLY F 178 13.67 -28.15 -16.97
C GLY F 178 14.13 -27.17 -15.90
N PHE F 179 15.44 -27.07 -15.75
CA PHE F 179 16.01 -26.21 -14.73
C PHE F 179 17.11 -25.36 -15.30
N SER F 180 16.94 -24.89 -16.52
CA SER F 180 17.86 -23.96 -17.14
C SER F 180 17.11 -23.23 -18.24
N LEU F 181 17.53 -22.00 -18.50
CA LEU F 181 16.92 -21.18 -19.54
C LEU F 181 18.00 -20.70 -20.48
N SER F 182 17.86 -21.04 -21.75
CA SER F 182 18.78 -20.54 -22.76
C SER F 182 18.39 -19.12 -23.13
N ALA F 183 19.37 -18.34 -23.54
CA ALA F 183 19.10 -16.96 -23.91
C ALA F 183 18.37 -16.88 -25.25
N VAL F 184 18.62 -17.83 -26.14
CA VAL F 184 18.06 -17.82 -27.49
C VAL F 184 17.06 -18.96 -27.59
N TYR F 185 15.89 -18.65 -28.13
CA TYR F 185 14.86 -19.66 -28.33
C TYR F 185 14.47 -19.70 -29.80
N THR F 186 14.17 -20.89 -30.30
CA THR F 186 13.72 -21.08 -31.66
C THR F 186 12.23 -21.37 -31.65
N CYS F 187 11.47 -20.58 -32.39
CA CYS F 187 10.02 -20.62 -32.39
C CYS F 187 9.53 -21.03 -33.78
N LYS F 188 8.56 -21.94 -33.80
CA LYS F 188 8.14 -22.63 -35.00
C LYS F 188 6.61 -22.72 -35.07
N ARG F 189 5.94 -21.58 -34.96
CA ARG F 189 4.49 -21.60 -34.91
C ARG F 189 3.90 -20.64 -35.93
N ASP F 190 2.70 -20.98 -36.40
CA ASP F 190 1.93 -20.08 -37.21
C ASP F 190 1.44 -18.90 -36.37
N PRO F 191 1.23 -17.72 -36.98
CA PRO F 191 1.35 -17.33 -38.38
C PRO F 191 2.73 -16.80 -38.73
N CYS F 192 3.72 -17.13 -37.92
CA CYS F 192 5.07 -16.72 -38.25
C CYS F 192 5.61 -17.59 -39.37
N PRO F 193 6.58 -17.10 -40.16
CA PRO F 193 7.30 -17.99 -41.08
C PRO F 193 8.14 -19.00 -40.32
N HIS F 194 8.71 -19.94 -41.08
CA HIS F 194 9.24 -21.24 -40.68
C HIS F 194 9.91 -21.34 -39.31
N GLN F 195 10.96 -20.58 -39.08
CA GLN F 195 11.61 -20.51 -37.78
C GLN F 195 11.98 -19.07 -37.48
N VAL F 196 11.86 -18.68 -36.22
CA VAL F 196 12.28 -17.36 -35.78
C VAL F 196 13.07 -17.51 -34.49
N ASP F 197 13.93 -16.53 -34.21
CA ASP F 197 14.71 -16.52 -32.99
C ASP F 197 14.19 -15.46 -32.04
N CYS F 198 14.13 -15.81 -30.76
CA CYS F 198 13.65 -14.90 -29.73
C CYS F 198 14.67 -14.83 -28.62
N PHE F 199 14.72 -13.67 -27.97
CA PHE F 199 15.68 -13.39 -26.93
C PHE F 199 14.93 -13.01 -25.67
N LEU F 200 15.26 -13.64 -24.56
CA LEU F 200 14.57 -13.39 -23.31
C LEU F 200 15.19 -12.18 -22.61
N SER F 201 14.83 -12.01 -21.34
CA SER F 201 15.39 -10.97 -20.49
C SER F 201 15.80 -11.56 -19.15
N ARG F 202 17.03 -11.31 -18.76
CA ARG F 202 17.69 -11.79 -17.55
C ARG F 202 17.55 -13.30 -17.37
N PRO F 203 18.23 -14.11 -18.14
CA PRO F 203 18.09 -15.56 -17.94
C PRO F 203 18.83 -16.06 -16.71
N THR F 204 19.95 -15.41 -16.39
CA THR F 204 20.84 -15.90 -15.35
C THR F 204 20.19 -15.79 -13.97
N GLU F 205 19.63 -14.61 -13.68
CA GLU F 205 18.99 -14.39 -12.39
C GLU F 205 17.79 -15.29 -12.19
N LYS F 206 17.04 -15.53 -13.26
CA LYS F 206 15.88 -16.39 -13.15
C LYS F 206 16.29 -17.85 -12.92
N THR F 207 17.37 -18.29 -13.56
CA THR F 207 17.84 -19.64 -13.31
C THR F 207 18.34 -19.80 -11.88
N ILE F 208 18.98 -18.74 -11.36
CA ILE F 208 19.44 -18.76 -9.97
C ILE F 208 18.27 -18.92 -9.01
N PHE F 209 17.21 -18.15 -9.23
CA PHE F 209 16.07 -18.26 -8.33
C PHE F 209 15.31 -19.56 -8.51
N ILE F 210 15.33 -20.13 -9.72
CA ILE F 210 14.73 -21.44 -9.94
C ILE F 210 15.46 -22.51 -9.14
N ILE F 211 16.79 -22.48 -9.18
CA ILE F 211 17.61 -23.41 -8.39
C ILE F 211 17.35 -23.22 -6.91
N PHE F 212 17.14 -21.97 -6.49
CA PHE F 212 16.93 -21.68 -5.08
C PHE F 212 15.61 -22.24 -4.58
N MET F 213 14.52 -22.03 -5.34
CA MET F 213 13.24 -22.60 -4.94
C MET F 213 13.26 -24.12 -5.01
N LEU F 214 14.04 -24.69 -5.94
CA LEU F 214 14.19 -26.13 -6.01
C LEU F 214 14.83 -26.70 -4.76
N VAL F 215 15.92 -26.08 -4.29
CA VAL F 215 16.61 -26.65 -3.14
C VAL F 215 15.82 -26.41 -1.85
N VAL F 216 15.01 -25.35 -1.82
CA VAL F 216 14.13 -25.14 -0.68
C VAL F 216 13.05 -26.22 -0.62
N SER F 217 12.47 -26.55 -1.78
CA SER F 217 11.48 -27.62 -1.83
C SER F 217 12.09 -28.97 -1.46
N LEU F 218 13.34 -29.19 -1.87
CA LEU F 218 14.00 -30.45 -1.56
C LEU F 218 14.23 -30.62 -0.07
N VAL F 219 14.74 -29.58 0.59
CA VAL F 219 14.98 -29.72 2.01
C VAL F 219 13.68 -29.73 2.80
N SER F 220 12.60 -29.13 2.27
CA SER F 220 11.31 -29.24 2.94
C SER F 220 10.78 -30.67 2.90
N LEU F 221 10.93 -31.33 1.75
CA LEU F 221 10.52 -32.72 1.63
C LEU F 221 11.33 -33.63 2.54
N ALA F 222 12.65 -33.38 2.61
CA ALA F 222 13.51 -34.20 3.46
C ALA F 222 13.18 -34.00 4.94
N LEU F 223 12.84 -32.77 5.32
CA LEU F 223 12.46 -32.50 6.70
C LEU F 223 11.16 -33.19 7.06
N ASN F 224 10.19 -33.20 6.13
CA ASN F 224 8.93 -33.90 6.38
C ASN F 224 9.14 -35.39 6.52
N ILE F 225 10.03 -35.95 5.71
CA ILE F 225 10.28 -37.39 5.75
C ILE F 225 10.95 -37.78 7.06
N ILE F 226 11.97 -37.03 7.48
CA ILE F 226 12.65 -37.38 8.72
C ILE F 226 11.75 -37.10 9.93
N GLU F 227 10.82 -36.16 9.80
CA GLU F 227 9.87 -35.90 10.88
C GLU F 227 8.90 -37.07 11.04
N LEU F 228 8.36 -37.56 9.94
CA LEU F 228 7.46 -38.71 9.99
C LEU F 228 8.19 -39.96 10.48
N PHE F 229 9.45 -40.11 10.10
CA PHE F 229 10.26 -41.24 10.54
C PHE F 229 10.48 -41.20 12.05
N TYR F 230 10.82 -40.01 12.57
CA TYR F 230 11.02 -39.85 14.01
C TYR F 230 9.72 -40.07 14.79
N VAL F 231 8.60 -39.60 14.25
CA VAL F 231 7.33 -39.74 14.95
C VAL F 231 6.89 -41.19 14.97
N PHE F 232 7.08 -41.92 13.86
CA PHE F 232 6.74 -43.34 13.85
C PHE F 232 7.68 -44.15 14.74
N PHE F 233 8.95 -43.77 14.80
CA PHE F 233 9.88 -44.45 15.70
C PHE F 233 9.52 -44.22 17.16
N LYS F 234 9.12 -43.00 17.51
CA LYS F 234 8.70 -42.75 18.87
C LYS F 234 7.34 -43.38 19.17
N GLY F 235 6.50 -43.54 18.15
CA GLY F 235 5.21 -44.17 18.34
C GLY F 235 5.28 -45.67 18.49
N VAL F 236 6.28 -46.30 17.87
CA VAL F 236 6.53 -47.72 18.14
C VAL F 236 7.43 -47.92 19.34
N LYS F 237 8.11 -46.87 19.82
CA LYS F 237 8.88 -46.96 21.05
C LYS F 237 8.02 -46.68 22.28
N ASP F 238 7.39 -45.50 22.32
CA ASP F 238 6.54 -45.00 23.42
C ASP F 238 7.22 -45.04 24.78
#